data_5AFK
#
_entry.id   5AFK
#
_cell.length_a   85.695
_cell.length_b   112.293
_cell.length_c   144.305
_cell.angle_alpha   90.00
_cell.angle_beta   90.00
_cell.angle_gamma   90.00
#
_symmetry.space_group_name_H-M   'P 21 21 21'
#
loop_
_entity.id
_entity.type
_entity.pdbx_description
1 polymer 'ACETYLCHOLINE-BINDING PROTEIN, NEURONAL ACETYLCHOLINE RECEPTOR SUBUNIT ALPHA-7'
2 branched alpha-D-mannopyranose-(1-3)-beta-D-mannopyranose-(1-4)-2-acetamido-2-deoxy-beta-D-glucopyranose-(1-4)-2-acetamido-2-deoxy-beta-D-glucopyranose
3 branched 2-acetamido-2-deoxy-beta-D-glucopyranose-(1-4)-2-acetamido-2-deoxy-beta-D-glucopyranose
4 non-polymer Alpha-Lobeline
5 non-polymer GLYCEROL
6 non-polymer N-(2,4-difluorophenyl)pyrrolidine-1-carboxamide
7 water water
#
_entity_poly.entity_id   1
_entity_poly.type   'polypeptide(L)'
_entity_poly.pdbx_seq_one_letter_code
;GEFQRKLYKELVKNYNPDVIPTQRDRPVTVYFSLSLLQIMDVDEKNQVVDVVFWLQMSWTDHYLQWNVSEYPGVKQVSVP
ISSLWVPDLAAYNAISKPEVLTPQLALVNSSGHVQYLPSIRQRFSCDVSGVDTESGATCKLKFGSWTHHSRELDLQMQEA
DISGYIPYSRFELVGVTQKRSERFYECCKEPYPDVTFTVTFRKKG
;
_entity_poly.pdbx_strand_id   A,B,C,D,E
#
# COMPACT_ATOMS: atom_id res chain seq x y z
N GLY A 1 -31.52 3.10 -10.46
CA GLY A 1 -32.53 2.09 -10.26
C GLY A 1 -32.29 0.88 -11.15
N GLU A 2 -33.37 0.28 -11.65
CA GLU A 2 -33.24 -0.85 -12.56
C GLU A 2 -32.55 -0.42 -13.84
N PHE A 3 -32.72 0.84 -14.20
CA PHE A 3 -32.13 1.31 -15.44
C PHE A 3 -30.64 1.55 -15.31
N GLN A 4 -30.19 2.03 -14.14
CA GLN A 4 -28.77 2.19 -13.91
C GLN A 4 -28.04 0.85 -13.92
N ARG A 5 -28.70 -0.20 -13.43
CA ARG A 5 -28.12 -1.53 -13.45
C ARG A 5 -28.00 -2.01 -14.88
N LYS A 6 -29.01 -1.68 -15.69
CA LYS A 6 -29.03 -2.06 -17.09
C LYS A 6 -27.91 -1.35 -17.86
N LEU A 7 -27.88 -0.03 -17.72
CA LEU A 7 -26.89 0.79 -18.39
C LEU A 7 -25.47 0.29 -18.11
N TYR A 8 -25.23 -0.11 -16.86
CA TYR A 8 -23.92 -0.61 -16.47
C TYR A 8 -23.56 -1.85 -17.28
N LYS A 9 -24.48 -2.80 -17.35
CA LYS A 9 -24.21 -4.01 -18.12
C LYS A 9 -23.83 -3.68 -19.55
N GLU A 10 -24.56 -2.76 -20.16
CA GLU A 10 -24.30 -2.42 -21.54
C GLU A 10 -22.97 -1.71 -21.75
N LEU A 11 -22.69 -0.69 -20.94
CA LEU A 11 -21.45 0.05 -21.07
C LEU A 11 -20.24 -0.80 -20.77
N VAL A 12 -20.43 -1.82 -19.93
CA VAL A 12 -19.30 -2.64 -19.51
C VAL A 12 -18.86 -3.63 -20.57
N LYS A 13 -19.82 -4.17 -21.32
CA LYS A 13 -19.47 -5.08 -22.40
C LYS A 13 -18.79 -4.32 -23.54
N ASN A 14 -17.69 -4.89 -24.02
CA ASN A 14 -16.83 -4.30 -25.04
C ASN A 14 -16.11 -3.02 -24.63
N TYR A 15 -16.04 -2.73 -23.34
CA TYR A 15 -15.29 -1.54 -22.93
C TYR A 15 -13.86 -1.87 -22.53
N ASN A 16 -12.91 -1.19 -23.16
CA ASN A 16 -11.50 -1.38 -22.84
C ASN A 16 -10.89 -0.11 -22.28
N PRO A 17 -10.58 -0.11 -20.98
CA PRO A 17 -9.97 1.08 -20.35
C PRO A 17 -8.51 1.33 -20.75
N ASP A 18 -7.94 0.47 -21.60
CA ASP A 18 -6.55 0.63 -22.03
C ASP A 18 -6.43 1.33 -23.39
N VAL A 19 -7.57 1.55 -24.05
CA VAL A 19 -7.60 2.14 -25.37
C VAL A 19 -8.13 3.57 -25.38
N ILE A 20 -7.26 4.51 -25.73
CA ILE A 20 -7.66 5.90 -25.75
C ILE A 20 -8.75 6.05 -26.81
N PRO A 21 -9.89 6.67 -26.43
CA PRO A 21 -11.05 6.68 -27.31
C PRO A 21 -10.97 7.74 -28.40
N THR A 22 -9.98 7.64 -29.28
CA THR A 22 -9.87 8.57 -30.40
C THR A 22 -10.89 8.18 -31.46
N GLN A 23 -11.15 9.10 -32.38
CA GLN A 23 -12.21 8.92 -33.37
C GLN A 23 -11.77 9.17 -34.79
N ARG A 24 -10.64 8.58 -35.18
CA ARG A 24 -10.11 8.70 -36.55
C ARG A 24 -9.86 10.16 -36.96
N ASP A 25 -8.58 10.52 -37.07
CA ASP A 25 -8.14 11.91 -37.24
C ASP A 25 -8.32 12.72 -35.95
N ARG A 26 -9.48 12.57 -35.31
CA ARG A 26 -9.79 13.30 -34.08
C ARG A 26 -8.94 12.86 -32.90
N PRO A 27 -8.17 13.80 -32.33
CA PRO A 27 -7.59 13.52 -31.02
C PRO A 27 -8.64 13.71 -29.94
N VAL A 28 -8.47 13.11 -28.76
CA VAL A 28 -9.35 13.36 -27.63
C VAL A 28 -8.92 14.64 -26.91
N THR A 29 -9.77 15.65 -26.90
CA THR A 29 -9.39 16.87 -26.21
C THR A 29 -9.71 16.78 -24.72
N VAL A 30 -8.71 17.09 -23.89
CA VAL A 30 -8.80 16.94 -22.46
C VAL A 30 -8.67 18.33 -21.87
N TYR A 31 -9.76 18.82 -21.26
CA TYR A 31 -9.73 20.11 -20.60
C TYR A 31 -9.13 19.95 -19.21
N PHE A 32 -8.22 20.84 -18.86
CA PHE A 32 -7.43 20.68 -17.64
C PHE A 32 -7.33 21.99 -16.88
N SER A 33 -7.55 21.95 -15.58
CA SER A 33 -7.34 23.13 -14.73
C SER A 33 -6.82 22.72 -13.36
N LEU A 34 -6.04 23.59 -12.75
CA LEU A 34 -5.51 23.31 -11.42
C LEU A 34 -5.91 24.44 -10.48
N SER A 35 -6.54 24.13 -9.37
CA SER A 35 -6.86 25.18 -8.40
C SER A 35 -6.00 24.97 -7.16
N LEU A 36 -5.08 25.88 -6.91
CA LEU A 36 -4.18 25.78 -5.76
C LEU A 36 -4.97 26.00 -4.47
N LEU A 37 -4.92 25.03 -3.55
CA LEU A 37 -5.67 25.15 -2.29
C LEU A 37 -4.81 25.59 -1.14
N GLN A 38 -3.64 24.97 -1.01
CA GLN A 38 -2.79 25.25 0.14
C GLN A 38 -1.35 24.90 -0.17
N ILE A 39 -0.45 25.80 0.20
CA ILE A 39 0.97 25.50 0.18
C ILE A 39 1.32 25.00 1.57
N MET A 40 1.51 23.70 1.65
CA MET A 40 1.67 23.01 2.92
C MET A 40 3.01 23.29 3.56
N ASP A 41 4.04 23.43 2.74
CA ASP A 41 5.41 23.49 3.28
C ASP A 41 6.45 23.81 2.24
N VAL A 42 7.56 24.38 2.69
CA VAL A 42 8.65 24.78 1.82
C VAL A 42 9.96 24.29 2.42
N ASP A 43 10.67 23.46 1.66
CA ASP A 43 11.95 22.90 2.09
C ASP A 43 13.03 23.70 1.39
N GLU A 44 13.65 24.63 2.12
CA GLU A 44 14.56 25.59 1.51
C GLU A 44 15.95 24.98 1.30
N LYS A 45 16.19 23.85 1.96
CA LYS A 45 17.46 23.13 1.85
C LYS A 45 17.49 22.28 0.58
N ASN A 46 16.44 21.49 0.37
CA ASN A 46 16.40 20.54 -0.72
C ASN A 46 15.62 21.07 -1.90
N GLN A 47 15.20 22.33 -1.79
CA GLN A 47 14.47 22.99 -2.86
C GLN A 47 13.19 22.24 -3.30
N VAL A 48 12.27 22.01 -2.37
CA VAL A 48 10.97 21.45 -2.74
C VAL A 48 9.80 22.20 -2.12
N VAL A 49 8.65 22.10 -2.78
CA VAL A 49 7.46 22.73 -2.27
C VAL A 49 6.42 21.63 -2.20
N ASP A 50 5.56 21.71 -1.17
CA ASP A 50 4.55 20.71 -0.88
C ASP A 50 3.17 21.39 -1.00
N VAL A 51 2.37 20.99 -2.00
CA VAL A 51 1.15 21.73 -2.30
C VAL A 51 -0.05 20.82 -2.31
N VAL A 52 -1.21 21.36 -1.93
CA VAL A 52 -2.47 20.66 -2.09
C VAL A 52 -3.24 21.42 -3.15
N PHE A 53 -3.82 20.70 -4.11
CA PHE A 53 -4.52 21.35 -5.20
C PHE A 53 -5.64 20.51 -5.76
N TRP A 54 -6.54 21.15 -6.48
CA TRP A 54 -7.68 20.48 -7.06
C TRP A 54 -7.49 20.46 -8.56
N LEU A 55 -7.50 19.27 -9.15
CA LEU A 55 -7.41 19.13 -10.59
C LEU A 55 -8.79 18.98 -11.17
N GLN A 56 -9.06 19.71 -12.22
CA GLN A 56 -10.28 19.46 -12.97
C GLN A 56 -9.91 18.98 -14.37
N MET A 57 -10.32 17.77 -14.66
CA MET A 57 -9.93 17.11 -15.87
C MET A 57 -11.19 16.52 -16.48
N SER A 58 -11.50 16.95 -17.69
CA SER A 58 -12.69 16.47 -18.36
C SER A 58 -12.39 16.20 -19.82
N TRP A 59 -13.05 15.18 -20.36
CA TRP A 59 -12.88 14.79 -21.75
C TRP A 59 -14.09 13.98 -22.19
N THR A 60 -14.22 13.77 -23.50
CA THR A 60 -15.32 12.99 -24.04
C THR A 60 -14.91 11.58 -24.52
N ASP A 61 -15.50 10.56 -23.90
CA ASP A 61 -15.31 9.17 -24.29
C ASP A 61 -16.59 8.68 -24.99
N HIS A 62 -16.47 8.40 -26.28
CA HIS A 62 -17.65 8.12 -27.08
C HIS A 62 -18.10 6.67 -26.97
N TYR A 63 -17.36 5.83 -26.27
CA TYR A 63 -17.84 4.47 -25.99
C TYR A 63 -18.65 4.47 -24.71
N LEU A 64 -18.75 5.62 -24.07
CA LEU A 64 -19.47 5.73 -22.81
C LEU A 64 -20.77 6.51 -22.93
N GLN A 65 -21.34 6.57 -24.13
CA GLN A 65 -22.59 7.31 -24.29
C GLN A 65 -23.81 6.37 -24.43
N TRP A 66 -25.01 6.95 -24.30
CA TRP A 66 -26.24 6.16 -24.35
C TRP A 66 -27.46 7.04 -24.65
N ASN A 67 -28.46 6.46 -25.31
CA ASN A 67 -29.65 7.22 -25.66
C ASN A 67 -30.57 7.27 -24.43
N VAL A 68 -30.84 8.48 -23.94
CA VAL A 68 -31.60 8.62 -22.71
C VAL A 68 -33.05 8.15 -22.88
N SER A 69 -33.52 8.12 -24.13
CA SER A 69 -34.83 7.53 -24.45
C SER A 69 -34.91 6.14 -23.85
N GLU A 70 -33.81 5.40 -23.95
CA GLU A 70 -33.80 3.98 -23.59
C GLU A 70 -33.53 3.71 -22.11
N TYR A 71 -33.05 4.72 -21.40
CA TYR A 71 -32.73 4.56 -19.97
C TYR A 71 -33.29 5.76 -19.23
N PRO A 72 -34.62 5.84 -19.14
CA PRO A 72 -35.43 7.00 -18.73
C PRO A 72 -34.80 8.00 -17.76
N GLY A 73 -34.56 7.64 -16.52
CA GLY A 73 -34.05 8.63 -15.57
C GLY A 73 -32.59 9.02 -15.74
N VAL A 74 -31.76 8.07 -16.14
CA VAL A 74 -30.32 8.21 -16.03
C VAL A 74 -29.73 9.32 -16.89
N LYS A 75 -29.44 10.46 -16.26
CA LYS A 75 -28.80 11.58 -16.94
C LYS A 75 -27.28 11.49 -16.78
N GLN A 76 -26.83 10.96 -15.64
CA GLN A 76 -25.39 10.77 -15.43
C GLN A 76 -25.15 9.66 -14.43
N VAL A 77 -23.93 9.13 -14.41
CA VAL A 77 -23.55 8.06 -13.49
C VAL A 77 -22.15 8.25 -12.89
N SER A 78 -21.95 7.73 -11.68
CA SER A 78 -20.65 7.81 -11.01
C SER A 78 -19.95 6.48 -11.18
N VAL A 79 -18.72 6.55 -11.68
CA VAL A 79 -17.98 5.40 -12.14
C VAL A 79 -16.61 5.42 -11.50
N PRO A 80 -16.17 4.27 -10.95
CA PRO A 80 -14.84 4.24 -10.37
C PRO A 80 -13.85 4.45 -11.50
N ILE A 81 -12.81 5.25 -11.28
N ILE A 81 -12.81 5.22 -11.21
CA ILE A 81 -11.92 5.61 -12.39
CA ILE A 81 -11.87 5.66 -12.23
C ILE A 81 -11.10 4.43 -12.85
C ILE A 81 -11.04 4.50 -12.78
N SER A 82 -10.88 3.47 -11.96
CA SER A 82 -10.15 2.25 -12.34
C SER A 82 -10.83 1.47 -13.48
N SER A 83 -12.09 1.81 -13.77
CA SER A 83 -12.82 1.13 -14.84
C SER A 83 -12.85 1.95 -16.13
N LEU A 84 -12.21 3.12 -16.10
CA LEU A 84 -12.25 4.04 -17.25
C LEU A 84 -10.87 4.27 -17.84
N TRP A 85 -10.82 4.53 -19.15
CA TRP A 85 -9.59 5.10 -19.68
C TRP A 85 -9.50 6.48 -19.07
N VAL A 86 -8.35 6.86 -18.54
CA VAL A 86 -8.16 8.24 -18.07
C VAL A 86 -6.86 8.80 -18.66
N PRO A 87 -6.81 10.12 -18.93
CA PRO A 87 -5.60 10.66 -19.53
C PRO A 87 -4.42 10.42 -18.60
N ASP A 88 -3.25 10.15 -19.17
CA ASP A 88 -2.08 9.77 -18.38
C ASP A 88 -1.25 11.04 -18.14
N LEU A 89 -1.86 12.01 -17.47
CA LEU A 89 -1.15 13.25 -17.19
C LEU A 89 -0.14 13.03 -16.08
N ALA A 90 1.10 13.39 -16.38
CA ALA A 90 2.19 13.26 -15.42
C ALA A 90 2.49 14.66 -14.92
N ALA A 91 3.02 14.73 -13.71
CA ALA A 91 3.56 15.96 -13.19
C ALA A 91 5.05 15.91 -13.52
N TYR A 92 5.46 16.67 -14.52
CA TYR A 92 6.83 16.52 -15.04
C TYR A 92 7.90 16.71 -13.98
N ASN A 93 7.62 17.51 -12.97
CA ASN A 93 8.66 17.83 -12.01
C ASN A 93 8.29 17.43 -10.57
N ALA A 94 7.40 16.45 -10.45
CA ALA A 94 7.08 15.93 -9.12
C ALA A 94 8.26 15.14 -8.59
N ILE A 95 8.50 15.25 -7.30
CA ILE A 95 9.50 14.41 -6.67
C ILE A 95 8.88 13.45 -5.67
N SER A 96 7.54 13.38 -5.64
CA SER A 96 6.80 12.39 -4.85
C SER A 96 5.58 11.93 -5.63
N LYS A 97 5.16 10.68 -5.40
CA LYS A 97 3.90 10.19 -5.93
C LYS A 97 2.77 11.07 -5.43
N PRO A 98 1.72 11.24 -6.24
CA PRO A 98 0.59 12.05 -5.79
C PRO A 98 -0.23 11.29 -4.73
N GLU A 99 -0.68 11.99 -3.69
CA GLU A 99 -1.63 11.45 -2.72
C GLU A 99 -3.03 11.98 -3.04
N VAL A 100 -3.89 11.11 -3.55
CA VAL A 100 -5.23 11.52 -3.92
C VAL A 100 -6.11 11.50 -2.66
N LEU A 101 -6.71 12.63 -2.35
CA LEU A 101 -7.39 12.81 -1.05
C LEU A 101 -8.87 12.45 -1.10
N THR A 102 -9.43 12.41 -2.31
CA THR A 102 -10.88 12.30 -2.51
C THR A 102 -11.29 10.96 -3.15
N PRO A 103 -12.58 10.61 -3.09
CA PRO A 103 -13.03 9.36 -3.71
C PRO A 103 -12.63 9.29 -5.18
N GLN A 104 -12.07 8.17 -5.61
N GLN A 104 -12.11 8.14 -5.60
CA GLN A 104 -11.61 8.05 -6.99
CA GLN A 104 -11.66 7.96 -6.97
C GLN A 104 -12.73 7.69 -7.97
C GLN A 104 -12.79 7.64 -7.95
N LEU A 105 -13.71 8.59 -8.08
CA LEU A 105 -14.85 8.43 -8.99
C LEU A 105 -14.90 9.55 -10.04
N ALA A 106 -15.53 9.26 -11.17
CA ALA A 106 -15.74 10.27 -12.20
C ALA A 106 -17.22 10.33 -12.51
N LEU A 107 -17.71 11.49 -12.94
CA LEU A 107 -19.09 11.61 -13.41
C LEU A 107 -19.09 11.44 -14.91
N VAL A 108 -20.11 10.80 -15.46
CA VAL A 108 -20.23 10.65 -16.89
C VAL A 108 -21.66 10.96 -17.29
N ASN A 109 -21.85 11.91 -18.21
CA ASN A 109 -23.20 12.15 -18.72
C ASN A 109 -23.43 11.34 -19.99
N SER A 110 -24.66 11.35 -20.49
CA SER A 110 -25.08 10.47 -21.58
C SER A 110 -24.42 10.78 -22.93
N SER A 111 -23.61 11.82 -23.00
CA SER A 111 -22.82 12.07 -24.22
C SER A 111 -21.45 11.44 -24.09
N GLY A 112 -21.21 10.73 -23.00
CA GLY A 112 -19.92 10.15 -22.73
C GLY A 112 -18.89 11.18 -22.28
N HIS A 113 -19.37 12.36 -21.88
CA HIS A 113 -18.49 13.36 -21.31
C HIS A 113 -18.13 13.00 -19.86
N VAL A 114 -16.84 12.90 -19.61
CA VAL A 114 -16.36 12.42 -18.33
C VAL A 114 -15.73 13.57 -17.56
N GLN A 115 -16.05 13.66 -16.29
CA GLN A 115 -15.40 14.62 -15.41
C GLN A 115 -14.76 13.90 -14.25
N TYR A 116 -13.48 14.14 -14.04
CA TYR A 116 -12.76 13.58 -12.92
C TYR A 116 -12.07 14.75 -12.21
N LEU A 117 -12.31 14.88 -10.91
CA LEU A 117 -11.93 16.07 -10.18
C LEU A 117 -11.18 15.77 -8.90
N PRO A 118 -10.03 15.11 -9.00
CA PRO A 118 -9.40 14.73 -7.74
C PRO A 118 -8.80 15.90 -7.00
N SER A 119 -8.84 15.83 -5.68
CA SER A 119 -8.02 16.69 -4.85
C SER A 119 -6.75 15.93 -4.49
N ILE A 120 -5.61 16.60 -4.60
CA ILE A 120 -4.32 15.91 -4.55
C ILE A 120 -3.32 16.67 -3.71
N ARG A 121 -2.53 15.95 -2.92
CA ARG A 121 -1.36 16.54 -2.28
C ARG A 121 -0.10 15.98 -2.94
N GLN A 122 0.89 16.84 -3.21
CA GLN A 122 2.10 16.38 -3.91
C GLN A 122 3.29 17.34 -3.73
N ARG A 123 4.50 16.78 -3.72
CA ARG A 123 5.70 17.57 -3.59
C ARG A 123 6.42 17.74 -4.92
N PHE A 124 6.83 18.98 -5.21
CA PHE A 124 7.50 19.33 -6.45
C PHE A 124 8.84 20.00 -6.19
N SER A 125 9.80 19.74 -7.07
CA SER A 125 11.09 20.45 -7.06
C SER A 125 10.83 21.91 -7.40
N CYS A 126 11.47 22.82 -6.68
CA CYS A 126 11.25 24.24 -6.93
C CYS A 126 12.39 25.04 -6.33
N ASP A 127 12.80 26.11 -7.02
CA ASP A 127 13.68 27.09 -6.40
C ASP A 127 12.83 27.97 -5.45
N VAL A 128 12.90 27.71 -4.14
CA VAL A 128 12.07 28.44 -3.18
C VAL A 128 12.88 29.52 -2.46
N SER A 129 14.06 29.83 -2.99
CA SER A 129 15.00 30.66 -2.26
C SER A 129 14.53 32.10 -2.09
N GLY A 130 13.56 32.52 -2.89
CA GLY A 130 13.05 33.88 -2.77
C GLY A 130 11.87 34.06 -1.80
N VAL A 131 11.41 32.98 -1.19
CA VAL A 131 10.18 32.98 -0.37
C VAL A 131 10.06 34.07 0.71
N ASP A 132 11.18 34.54 1.24
CA ASP A 132 11.17 35.50 2.33
C ASP A 132 11.39 36.93 1.88
N THR A 133 11.28 37.17 0.58
CA THR A 133 11.43 38.51 0.02
C THR A 133 10.12 38.98 -0.58
N GLU A 134 10.10 40.26 -0.93
CA GLU A 134 8.98 40.92 -1.58
C GLU A 134 8.60 40.25 -2.89
N SER A 135 9.61 39.89 -3.66
CA SER A 135 9.42 39.26 -4.95
C SER A 135 8.88 37.85 -4.75
N GLY A 136 9.30 37.23 -3.66
CA GLY A 136 8.78 35.92 -3.30
C GLY A 136 9.44 34.85 -4.13
N ALA A 137 8.92 33.63 -4.00
CA ALA A 137 9.42 32.46 -4.71
C ALA A 137 8.51 32.14 -5.88
N THR A 138 9.07 31.54 -6.92
CA THR A 138 8.26 31.16 -8.08
C THR A 138 8.43 29.68 -8.41
N CYS A 139 7.32 28.96 -8.39
CA CYS A 139 7.29 27.53 -8.65
C CYS A 139 6.52 27.23 -9.91
N LYS A 140 7.11 26.44 -10.80
CA LYS A 140 6.39 25.94 -11.95
C LYS A 140 5.88 24.55 -11.65
N LEU A 141 4.61 24.31 -11.98
CA LEU A 141 3.97 23.02 -11.81
C LEU A 141 3.60 22.55 -13.21
N LYS A 142 4.35 21.57 -13.72
CA LYS A 142 4.27 21.21 -15.13
C LYS A 142 3.64 19.85 -15.35
N PHE A 143 2.62 19.80 -16.22
CA PHE A 143 1.87 18.56 -16.51
C PHE A 143 1.70 18.34 -17.99
N GLY A 144 1.69 17.07 -18.38
CA GLY A 144 1.46 16.67 -19.76
C GLY A 144 1.25 15.17 -19.83
N SER A 145 0.62 14.72 -20.92
CA SER A 145 0.50 13.30 -21.17
C SER A 145 1.90 12.72 -21.26
N TRP A 146 2.06 11.52 -20.72
CA TRP A 146 3.36 10.86 -20.70
C TRP A 146 3.67 10.12 -22.01
N THR A 147 2.63 9.63 -22.68
CA THR A 147 2.82 8.74 -23.82
C THR A 147 2.05 9.14 -25.06
N HIS A 148 1.08 10.04 -24.92
CA HIS A 148 0.26 10.44 -26.05
C HIS A 148 0.65 11.82 -26.60
N HIS A 149 0.91 11.91 -27.90
CA HIS A 149 1.28 13.19 -28.50
C HIS A 149 0.07 14.01 -28.96
N SER A 150 0.33 15.21 -29.44
CA SER A 150 -0.71 16.18 -29.82
C SER A 150 -1.86 15.68 -30.69
N ARG A 151 -1.56 14.82 -31.66
CA ARG A 151 -2.59 14.33 -32.56
C ARG A 151 -3.42 13.21 -31.92
N GLU A 152 -3.04 12.80 -30.72
CA GLU A 152 -3.80 11.81 -29.96
C GLU A 152 -4.53 12.42 -28.79
N LEU A 153 -3.84 13.29 -28.05
CA LEU A 153 -4.40 13.91 -26.86
C LEU A 153 -4.17 15.43 -26.88
N ASP A 154 -5.24 16.17 -27.10
CA ASP A 154 -5.22 17.64 -27.14
C ASP A 154 -5.54 18.25 -25.76
N LEU A 155 -4.50 18.62 -25.02
CA LEU A 155 -4.63 19.25 -23.71
C LEU A 155 -5.05 20.72 -23.85
N GLN A 156 -6.04 21.12 -23.06
CA GLN A 156 -6.51 22.50 -23.11
C GLN A 156 -6.60 23.08 -21.72
N MET A 157 -5.97 24.21 -21.52
CA MET A 157 -6.10 24.90 -20.25
C MET A 157 -7.51 25.45 -20.08
N GLN A 158 -7.96 25.61 -18.84
CA GLN A 158 -9.14 26.40 -18.57
C GLN A 158 -8.64 27.59 -17.76
N GLU A 159 -9.53 28.47 -17.32
CA GLU A 159 -9.09 29.69 -16.60
C GLU A 159 -8.34 29.38 -15.32
N ALA A 160 -7.31 30.20 -15.07
CA ALA A 160 -6.64 30.30 -13.78
C ALA A 160 -7.67 30.55 -12.67
N ASP A 161 -7.52 29.84 -11.55
CA ASP A 161 -8.49 29.87 -10.45
C ASP A 161 -7.72 29.84 -9.13
N ILE A 162 -7.69 30.96 -8.40
CA ILE A 162 -7.09 31.00 -7.06
C ILE A 162 -8.12 31.23 -5.93
N SER A 163 -9.41 31.07 -6.26
CA SER A 163 -10.48 31.38 -5.33
C SER A 163 -10.43 30.41 -4.16
N GLY A 164 -10.05 29.18 -4.48
CA GLY A 164 -9.88 28.13 -3.50
C GLY A 164 -8.72 28.29 -2.55
N TYR A 165 -7.90 29.33 -2.70
CA TYR A 165 -6.72 29.39 -1.83
C TYR A 165 -7.14 29.71 -0.38
N ILE A 166 -6.72 28.88 0.60
CA ILE A 166 -7.04 29.19 1.99
C ILE A 166 -6.46 30.52 2.38
N PRO A 167 -7.25 31.32 3.11
CA PRO A 167 -6.83 32.70 3.43
C PRO A 167 -5.98 32.78 4.70
N TYR A 168 -5.88 31.67 5.45
CA TYR A 168 -5.17 31.68 6.72
C TYR A 168 -3.79 31.00 6.67
N SER A 169 -3.28 30.75 5.46
CA SER A 169 -1.95 30.13 5.31
C SER A 169 -0.82 31.07 5.68
N ARG A 170 0.37 30.55 5.99
CA ARG A 170 1.50 31.44 6.29
C ARG A 170 2.07 32.06 5.01
N PHE A 171 1.67 31.53 3.88
CA PHE A 171 2.13 32.07 2.60
C PHE A 171 1.03 32.88 1.92
N GLU A 172 1.41 34.05 1.44
CA GLU A 172 0.55 34.87 0.59
C GLU A 172 0.70 34.43 -0.87
N LEU A 173 -0.42 34.08 -1.50
CA LEU A 173 -0.42 33.71 -2.91
C LEU A 173 -0.45 34.96 -3.76
N VAL A 174 0.70 35.41 -4.23
CA VAL A 174 0.76 36.61 -5.08
C VAL A 174 -0.07 36.43 -6.36
N GLY A 175 0.26 35.41 -7.14
CA GLY A 175 -0.46 35.12 -8.37
C GLY A 175 -0.16 33.76 -8.96
N VAL A 176 -1.00 33.36 -9.91
CA VAL A 176 -0.81 32.14 -10.66
C VAL A 176 -1.02 32.44 -12.15
N THR A 177 0.00 32.24 -12.98
CA THR A 177 -0.17 32.31 -14.43
C THR A 177 -0.13 30.94 -15.12
N GLN A 178 -0.59 30.89 -16.36
CA GLN A 178 -0.77 29.64 -17.07
C GLN A 178 -0.25 29.72 -18.49
N LYS A 179 0.54 28.73 -18.91
CA LYS A 179 1.04 28.67 -20.28
C LYS A 179 0.89 27.26 -20.86
N ARG A 180 0.42 27.18 -22.10
CA ARG A 180 0.40 25.90 -22.80
C ARG A 180 1.55 25.91 -23.81
N SER A 181 2.21 24.77 -23.97
CA SER A 181 3.31 24.65 -24.92
C SER A 181 3.24 23.33 -25.63
N GLU A 182 3.78 23.27 -26.84
CA GLU A 182 3.91 22.04 -27.59
C GLU A 182 5.38 21.79 -27.80
N ARG A 183 5.97 20.89 -27.01
CA ARG A 183 7.39 20.65 -27.11
C ARG A 183 7.68 19.55 -28.11
N PHE A 184 8.75 19.72 -28.87
CA PHE A 184 9.26 18.66 -29.71
C PHE A 184 10.41 17.99 -29.01
N TYR A 185 10.38 16.67 -28.97
CA TYR A 185 11.52 15.91 -28.47
C TYR A 185 12.18 15.16 -29.62
N GLU A 186 13.50 15.32 -29.73
CA GLU A 186 14.38 14.63 -30.69
C GLU A 186 13.91 13.25 -31.23
N CYS A 187 13.35 12.44 -30.34
CA CYS A 187 12.94 11.08 -30.65
C CYS A 187 11.78 10.97 -31.66
N CYS A 188 10.90 11.97 -31.67
CA CYS A 188 9.56 11.79 -32.25
C CYS A 188 9.17 12.80 -33.31
N LYS A 189 8.31 12.38 -34.23
CA LYS A 189 7.81 13.23 -35.30
C LYS A 189 6.74 14.19 -34.77
N GLU A 190 6.06 13.80 -33.70
CA GLU A 190 4.93 14.56 -33.20
C GLU A 190 5.23 15.21 -31.86
N PRO A 191 4.82 16.48 -31.69
CA PRO A 191 5.02 17.24 -30.45
C PRO A 191 4.10 16.76 -29.31
N TYR A 192 4.51 17.00 -28.07
CA TYR A 192 3.70 16.64 -26.89
C TYR A 192 3.29 17.90 -26.10
N PRO A 193 1.99 18.16 -26.03
CA PRO A 193 1.57 19.38 -25.32
C PRO A 193 1.76 19.28 -23.81
N ASP A 194 2.14 20.38 -23.17
CA ASP A 194 2.21 20.42 -21.72
C ASP A 194 1.63 21.75 -21.21
N VAL A 195 0.94 21.67 -20.08
CA VAL A 195 0.40 22.86 -19.42
C VAL A 195 1.18 23.14 -18.13
N THR A 196 1.74 24.34 -18.03
CA THR A 196 2.56 24.75 -16.90
C THR A 196 1.86 25.83 -16.06
N PHE A 197 1.76 25.61 -14.75
CA PHE A 197 1.18 26.60 -13.84
C PHE A 197 2.27 27.24 -13.03
N THR A 198 2.33 28.57 -13.11
CA THR A 198 3.38 29.31 -12.45
C THR A 198 2.76 30.02 -11.26
N VAL A 199 3.16 29.63 -10.05
CA VAL A 199 2.64 30.27 -8.86
C VAL A 199 3.74 30.97 -8.09
N THR A 200 3.46 32.21 -7.71
CA THR A 200 4.39 33.04 -6.99
C THR A 200 3.85 33.30 -5.59
N PHE A 201 4.69 33.13 -4.57
CA PHE A 201 4.25 33.23 -3.18
C PHE A 201 5.37 33.67 -2.24
N ARG A 202 5.01 34.27 -1.10
CA ARG A 202 5.99 34.70 -0.12
C ARG A 202 5.45 34.50 1.30
N LYS A 203 6.33 34.45 2.30
CA LYS A 203 5.86 34.41 3.69
C LYS A 203 5.19 35.73 4.02
N LYS A 204 4.11 35.71 4.80
CA LYS A 204 3.41 36.94 5.18
C LYS A 204 4.19 37.79 6.19
N GLY A 205 3.76 39.03 6.37
CA GLY A 205 4.43 39.95 7.25
C GLY A 205 4.91 41.22 6.56
N GLY B 1 -9.44 4.76 -31.47
CA GLY B 1 -10.14 4.40 -32.70
C GLY B 1 -10.51 2.93 -32.74
N GLU B 2 -11.34 2.56 -33.71
CA GLU B 2 -11.83 1.18 -33.79
C GLU B 2 -10.72 0.18 -34.06
N PHE B 3 -9.60 0.65 -34.60
CA PHE B 3 -8.51 -0.25 -34.93
C PHE B 3 -7.65 -0.62 -33.73
N GLN B 4 -7.42 0.32 -32.82
CA GLN B 4 -6.67 0.01 -31.61
C GLN B 4 -7.39 -1.10 -30.85
N ARG B 5 -8.72 -1.08 -30.88
CA ARG B 5 -9.51 -2.08 -30.19
C ARG B 5 -9.23 -3.45 -30.80
N LYS B 6 -9.35 -3.50 -32.12
CA LYS B 6 -9.03 -4.70 -32.88
C LYS B 6 -7.63 -5.22 -32.57
N LEU B 7 -6.68 -4.31 -32.40
CA LEU B 7 -5.29 -4.65 -32.15
C LEU B 7 -5.06 -5.21 -30.74
N TYR B 8 -5.68 -4.59 -29.74
CA TYR B 8 -5.57 -5.07 -28.37
C TYR B 8 -6.02 -6.51 -28.30
N LYS B 9 -7.09 -6.83 -29.01
CA LYS B 9 -7.62 -8.18 -28.98
C LYS B 9 -6.60 -9.17 -29.52
N GLU B 10 -6.04 -8.85 -30.69
CA GLU B 10 -5.08 -9.75 -31.34
C GLU B 10 -3.80 -9.90 -30.52
N LEU B 11 -3.21 -8.79 -30.09
CA LEU B 11 -1.95 -8.80 -29.35
C LEU B 11 -2.05 -9.47 -27.99
N VAL B 12 -3.23 -9.43 -27.40
CA VAL B 12 -3.40 -9.91 -26.03
C VAL B 12 -3.52 -11.44 -25.95
N LYS B 13 -4.05 -12.06 -26.99
CA LYS B 13 -4.20 -13.51 -26.98
C LYS B 13 -2.86 -14.22 -27.00
N ASN B 14 -2.73 -15.22 -26.12
CA ASN B 14 -1.52 -16.00 -25.92
C ASN B 14 -0.40 -15.27 -25.19
N TYR B 15 -0.50 -13.94 -25.11
CA TYR B 15 0.57 -13.16 -24.50
C TYR B 15 0.72 -13.47 -23.00
N ASN B 16 1.96 -13.58 -22.57
CA ASN B 16 2.26 -13.87 -21.18
C ASN B 16 3.38 -12.93 -20.76
N PRO B 17 3.08 -12.02 -19.83
CA PRO B 17 4.00 -10.97 -19.38
C PRO B 17 5.04 -11.48 -18.38
N ASP B 18 4.94 -12.75 -17.99
CA ASP B 18 5.95 -13.32 -17.09
C ASP B 18 7.10 -13.99 -17.86
N VAL B 19 6.98 -14.07 -19.18
CA VAL B 19 7.92 -14.84 -20.00
C VAL B 19 8.80 -13.95 -20.90
N ILE B 20 10.09 -13.92 -20.64
CA ILE B 20 11.00 -13.06 -21.44
C ILE B 20 10.93 -13.44 -22.92
N PRO B 21 10.79 -12.44 -23.81
CA PRO B 21 10.51 -12.76 -25.21
C PRO B 21 11.76 -13.03 -26.05
N THR B 22 12.54 -14.02 -25.65
CA THR B 22 13.67 -14.49 -26.45
C THR B 22 13.17 -15.24 -27.68
N GLN B 23 14.04 -15.35 -28.67
CA GLN B 23 13.83 -16.24 -29.81
C GLN B 23 15.05 -17.14 -29.92
N ARG B 24 14.85 -18.32 -30.51
CA ARG B 24 15.93 -19.26 -30.84
C ARG B 24 17.30 -18.58 -30.92
N ASP B 25 18.13 -18.88 -29.91
CA ASP B 25 19.44 -18.21 -29.71
C ASP B 25 19.34 -16.78 -29.15
N ARG B 26 18.81 -15.87 -29.96
CA ARG B 26 18.96 -14.41 -29.72
C ARG B 26 18.37 -13.89 -28.40
N PRO B 27 19.26 -13.44 -27.50
CA PRO B 27 18.79 -12.79 -26.27
C PRO B 27 18.02 -11.51 -26.59
N VAL B 28 17.18 -11.09 -25.66
CA VAL B 28 16.52 -9.81 -25.78
C VAL B 28 17.58 -8.77 -25.46
N THR B 29 17.90 -7.90 -26.41
CA THR B 29 18.82 -6.83 -26.06
C THR B 29 18.04 -5.65 -25.45
N VAL B 30 18.48 -5.22 -24.28
CA VAL B 30 17.82 -4.15 -23.54
C VAL B 30 18.74 -2.95 -23.42
N TYR B 31 18.34 -1.86 -24.05
CA TYR B 31 19.11 -0.62 -24.04
C TYR B 31 18.68 0.25 -22.88
N PHE B 32 19.66 0.74 -22.14
CA PHE B 32 19.43 1.32 -20.84
C PHE B 32 20.26 2.57 -20.66
N SER B 33 19.69 3.58 -20.02
CA SER B 33 20.46 4.73 -19.56
C SER B 33 19.72 5.45 -18.45
N LEU B 34 20.49 6.25 -17.72
CA LEU B 34 20.03 6.97 -16.57
C LEU B 34 20.36 8.45 -16.75
N SER B 35 19.40 9.33 -16.50
CA SER B 35 19.63 10.78 -16.48
C SER B 35 19.32 11.35 -15.10
N LEU B 36 20.34 11.93 -14.48
CA LEU B 36 20.22 12.52 -13.17
C LEU B 36 19.42 13.81 -13.22
N LEU B 37 18.38 13.89 -12.39
CA LEU B 37 17.53 15.07 -12.36
C LEU B 37 17.82 15.90 -11.11
N GLN B 38 17.96 15.24 -9.96
CA GLN B 38 18.17 15.96 -8.70
C GLN B 38 18.71 15.05 -7.61
N ILE B 39 19.59 15.63 -6.80
CA ILE B 39 20.07 14.97 -5.62
C ILE B 39 19.26 15.56 -4.47
N MET B 40 18.28 14.81 -3.97
CA MET B 40 17.37 15.29 -2.94
C MET B 40 18.07 15.50 -1.61
N ASP B 41 19.01 14.62 -1.28
CA ASP B 41 19.58 14.64 0.06
C ASP B 41 20.86 13.83 0.13
N VAL B 42 21.68 14.15 1.12
CA VAL B 42 22.84 13.37 1.45
C VAL B 42 22.81 13.12 2.96
N ASP B 43 22.95 11.86 3.34
CA ASP B 43 22.97 11.49 4.74
C ASP B 43 24.39 11.07 5.14
N GLU B 44 25.15 12.01 5.68
CA GLU B 44 26.54 11.76 5.98
C GLU B 44 26.71 10.82 7.17
N LYS B 45 25.66 10.63 7.96
CA LYS B 45 25.74 9.73 9.12
C LYS B 45 25.50 8.26 8.77
N ASN B 46 24.56 8.00 7.88
CA ASN B 46 24.23 6.62 7.50
C ASN B 46 24.76 6.25 6.11
N GLN B 47 25.52 7.17 5.51
CA GLN B 47 26.15 6.96 4.21
C GLN B 47 25.16 6.57 3.13
N VAL B 48 24.24 7.47 2.84
CA VAL B 48 23.27 7.20 1.79
C VAL B 48 22.97 8.47 1.00
N VAL B 49 22.70 8.29 -0.30
CA VAL B 49 22.39 9.41 -1.15
C VAL B 49 21.01 9.20 -1.72
N ASP B 50 20.18 10.24 -1.64
CA ASP B 50 18.77 10.20 -2.07
C ASP B 50 18.69 10.93 -3.42
N VAL B 51 18.27 10.23 -4.47
CA VAL B 51 18.27 10.82 -5.81
C VAL B 51 17.00 10.56 -6.60
N VAL B 52 16.72 11.46 -7.53
CA VAL B 52 15.59 11.35 -8.44
C VAL B 52 16.20 11.33 -9.82
N PHE B 53 15.76 10.37 -10.64
CA PHE B 53 16.37 10.23 -11.95
C PHE B 53 15.36 9.71 -12.92
N TRP B 54 15.73 9.78 -14.19
CA TRP B 54 14.88 9.31 -15.28
C TRP B 54 15.63 8.14 -15.95
N LEU B 55 14.91 7.07 -16.29
CA LEU B 55 15.53 5.90 -16.87
C LEU B 55 14.99 5.68 -18.26
N GLN B 56 15.84 5.37 -19.22
CA GLN B 56 15.31 4.89 -20.49
C GLN B 56 15.61 3.41 -20.67
N MET B 57 14.55 2.62 -20.83
CA MET B 57 14.70 1.21 -21.19
C MET B 57 14.00 0.97 -22.49
N SER B 58 14.70 0.38 -23.45
CA SER B 58 14.04 -0.01 -24.67
C SER B 58 14.52 -1.36 -25.17
N TRP B 59 13.60 -2.11 -25.76
CA TRP B 59 13.89 -3.45 -26.23
C TRP B 59 12.86 -3.84 -27.25
N THR B 60 13.00 -5.05 -27.76
CA THR B 60 12.10 -5.54 -28.78
C THR B 60 11.38 -6.77 -28.24
N ASP B 61 10.05 -6.73 -28.33
CA ASP B 61 9.22 -7.83 -27.94
C ASP B 61 8.59 -8.29 -29.24
N HIS B 62 9.02 -9.43 -29.75
CA HIS B 62 8.61 -9.85 -31.09
C HIS B 62 7.16 -10.30 -31.15
N TYR B 63 6.55 -10.53 -29.99
CA TYR B 63 5.14 -10.88 -29.97
C TYR B 63 4.24 -9.65 -30.07
N LEU B 64 4.85 -8.47 -29.97
CA LEU B 64 4.07 -7.24 -29.96
C LEU B 64 4.12 -6.48 -31.29
N GLN B 65 4.19 -7.20 -32.40
CA GLN B 65 4.23 -6.54 -33.71
C GLN B 65 2.99 -6.83 -34.55
N TRP B 66 2.77 -5.96 -35.54
CA TRP B 66 1.61 -6.09 -36.42
C TRP B 66 1.85 -5.38 -37.75
N ASN B 67 1.14 -5.79 -38.78
CA ASN B 67 1.24 -5.11 -40.07
C ASN B 67 0.35 -3.89 -40.06
N VAL B 68 0.92 -2.73 -40.29
CA VAL B 68 0.15 -1.49 -40.32
C VAL B 68 -0.91 -1.52 -41.44
N SER B 69 -0.70 -2.40 -42.42
CA SER B 69 -1.66 -2.60 -43.50
C SER B 69 -3.02 -3.08 -42.96
N GLU B 70 -2.98 -3.87 -41.88
CA GLU B 70 -4.18 -4.44 -41.31
C GLU B 70 -4.79 -3.52 -40.25
N TYR B 71 -4.01 -2.54 -39.80
CA TYR B 71 -4.48 -1.58 -38.81
C TYR B 71 -4.08 -0.14 -39.18
N PRO B 72 -4.76 0.43 -40.19
CA PRO B 72 -4.52 1.78 -40.72
C PRO B 72 -4.41 2.85 -39.64
N GLY B 73 -3.32 3.60 -39.68
CA GLY B 73 -3.14 4.71 -38.77
C GLY B 73 -2.47 4.29 -37.48
N VAL B 74 -2.64 3.03 -37.09
CA VAL B 74 -2.12 2.58 -35.81
C VAL B 74 -0.63 2.32 -35.90
N LYS B 75 0.16 3.33 -35.56
CA LYS B 75 1.61 3.21 -35.58
C LYS B 75 2.13 2.79 -34.21
N GLN B 76 1.48 3.27 -33.15
CA GLN B 76 1.96 3.01 -31.80
C GLN B 76 0.78 2.86 -30.85
N VAL B 77 1.02 2.22 -29.72
CA VAL B 77 0.02 2.10 -28.66
C VAL B 77 0.64 2.22 -27.28
N SER B 78 -0.13 2.79 -26.35
CA SER B 78 0.30 2.96 -24.97
C SER B 78 -0.20 1.76 -24.19
N VAL B 79 0.68 1.12 -23.45
CA VAL B 79 0.37 -0.13 -22.77
C VAL B 79 0.85 -0.11 -21.33
N PRO B 80 -0.05 -0.41 -20.39
CA PRO B 80 0.34 -0.51 -18.98
C PRO B 80 1.38 -1.61 -18.84
N ILE B 81 2.44 -1.37 -18.06
CA ILE B 81 3.55 -2.30 -17.97
C ILE B 81 3.13 -3.62 -17.32
N SER B 82 2.10 -3.55 -16.47
CA SER B 82 1.58 -4.77 -15.82
C SER B 82 1.11 -5.80 -16.83
N SER B 83 0.72 -5.36 -18.03
CA SER B 83 0.36 -6.29 -19.10
C SER B 83 1.55 -6.74 -19.97
N LEU B 84 2.71 -6.14 -19.79
CA LEU B 84 3.89 -6.47 -20.60
C LEU B 84 4.97 -7.19 -19.83
N TRP B 85 5.76 -7.99 -20.52
CA TRP B 85 7.06 -8.35 -19.97
C TRP B 85 7.92 -7.09 -19.95
N VAL B 86 8.68 -6.90 -18.87
CA VAL B 86 9.55 -5.75 -18.73
C VAL B 86 10.78 -6.27 -18.05
N PRO B 87 11.95 -5.71 -18.39
CA PRO B 87 13.22 -6.11 -17.78
C PRO B 87 13.17 -5.97 -16.26
N ASP B 88 13.69 -6.96 -15.54
CA ASP B 88 13.67 -6.95 -14.08
C ASP B 88 14.89 -6.28 -13.53
N LEU B 89 15.22 -5.11 -14.08
CA LEU B 89 16.43 -4.39 -13.65
C LEU B 89 16.31 -3.98 -12.20
N ALA B 90 17.35 -4.22 -11.41
CA ALA B 90 17.37 -3.72 -10.05
C ALA B 90 18.61 -2.87 -9.81
N ALA B 91 18.49 -1.94 -8.89
CA ALA B 91 19.62 -1.20 -8.39
C ALA B 91 20.30 -2.10 -7.38
N TYR B 92 21.54 -2.51 -7.68
CA TYR B 92 22.25 -3.49 -6.87
C TYR B 92 22.59 -2.96 -5.47
N ASN B 93 22.75 -1.66 -5.36
CA ASN B 93 23.19 -1.09 -4.09
C ASN B 93 22.18 -0.10 -3.48
N ALA B 94 20.91 -0.26 -3.84
CA ALA B 94 19.83 0.55 -3.29
C ALA B 94 19.53 0.18 -1.84
N ILE B 95 19.08 1.15 -1.05
CA ILE B 95 18.66 0.84 0.31
C ILE B 95 17.21 1.20 0.55
N SER B 96 16.51 1.56 -0.52
CA SER B 96 15.09 1.80 -0.44
C SER B 96 14.43 1.29 -1.70
N LYS B 97 13.14 0.99 -1.62
CA LYS B 97 12.33 0.55 -2.76
C LYS B 97 12.18 1.73 -3.73
N PRO B 98 12.26 1.49 -5.05
CA PRO B 98 12.09 2.63 -5.98
C PRO B 98 10.68 3.16 -5.95
N GLU B 99 10.56 4.48 -5.95
CA GLU B 99 9.28 5.14 -6.01
C GLU B 99 9.16 5.69 -7.44
N VAL B 100 8.33 5.04 -8.25
CA VAL B 100 8.09 5.49 -9.61
C VAL B 100 7.20 6.74 -9.61
N LEU B 101 7.68 7.83 -10.20
CA LEU B 101 6.98 9.12 -10.16
C LEU B 101 5.98 9.36 -11.31
N THR B 102 6.00 8.51 -12.32
CA THR B 102 5.29 8.77 -13.58
C THR B 102 4.32 7.65 -13.92
N PRO B 103 3.42 7.86 -14.90
CA PRO B 103 2.48 6.80 -15.22
C PRO B 103 3.19 5.56 -15.71
N GLN B 104 2.81 4.40 -15.17
CA GLN B 104 3.46 3.14 -15.47
C GLN B 104 2.97 2.59 -16.82
N LEU B 105 3.36 3.27 -17.89
CA LEU B 105 2.91 2.92 -19.23
C LEU B 105 4.12 2.85 -20.11
N ALA B 106 4.03 2.02 -21.16
CA ALA B 106 5.09 1.89 -22.15
C ALA B 106 4.55 2.16 -23.53
N LEU B 107 5.35 2.82 -24.36
CA LEU B 107 5.04 3.00 -25.78
C LEU B 107 5.56 1.80 -26.55
N VAL B 108 4.80 1.34 -27.52
CA VAL B 108 5.14 0.17 -28.33
C VAL B 108 4.76 0.44 -29.77
N ASN B 109 5.76 0.40 -30.68
CA ASN B 109 5.44 0.60 -32.09
C ASN B 109 5.18 -0.71 -32.82
N SER B 110 4.76 -0.62 -34.08
CA SER B 110 4.41 -1.76 -34.91
C SER B 110 5.52 -2.80 -35.10
N SER B 111 6.76 -2.44 -34.77
CA SER B 111 7.88 -3.38 -34.87
C SER B 111 8.04 -4.16 -33.58
N GLY B 112 7.27 -3.79 -32.56
CA GLY B 112 7.37 -4.45 -31.28
C GLY B 112 8.48 -3.86 -30.44
N HIS B 113 8.96 -2.69 -30.85
CA HIS B 113 9.90 -2.00 -30.00
C HIS B 113 9.15 -1.29 -28.88
N VAL B 114 9.70 -1.37 -27.69
CA VAL B 114 9.00 -0.93 -26.49
C VAL B 114 9.86 0.11 -25.79
N GLN B 115 9.26 1.22 -25.38
CA GLN B 115 9.98 2.23 -24.60
C GLN B 115 9.28 2.45 -23.26
N TYR B 116 10.00 2.18 -22.17
CA TYR B 116 9.52 2.48 -20.82
C TYR B 116 10.46 3.53 -20.24
N LEU B 117 9.90 4.70 -19.95
CA LEU B 117 10.73 5.85 -19.59
C LEU B 117 10.34 6.39 -18.20
N PRO B 118 10.58 5.59 -17.15
CA PRO B 118 10.05 6.01 -15.86
C PRO B 118 10.99 6.95 -15.14
N SER B 119 10.38 7.88 -14.43
CA SER B 119 11.08 8.77 -13.52
C SER B 119 10.96 8.18 -12.11
N ILE B 120 12.05 8.19 -11.37
CA ILE B 120 12.17 7.37 -10.18
C ILE B 120 12.86 8.11 -9.05
N ARG B 121 12.37 7.93 -7.84
CA ARG B 121 13.10 8.43 -6.68
C ARG B 121 13.58 7.24 -5.88
N GLN B 122 14.85 7.25 -5.53
CA GLN B 122 15.38 6.10 -4.82
C GLN B 122 16.61 6.48 -4.02
N ARG B 123 16.78 5.83 -2.87
CA ARG B 123 17.96 6.03 -2.02
C ARG B 123 19.02 4.91 -2.19
N PHE B 124 20.29 5.30 -2.13
CA PHE B 124 21.39 4.37 -2.38
C PHE B 124 22.47 4.43 -1.32
N SER B 125 23.11 3.29 -1.08
CA SER B 125 24.29 3.26 -0.23
C SER B 125 25.44 4.00 -0.91
N CYS B 126 26.05 4.93 -0.20
CA CYS B 126 27.15 5.70 -0.78
C CYS B 126 28.05 6.35 0.27
N ASP B 127 29.36 6.39 0.00
CA ASP B 127 30.28 7.13 0.85
C ASP B 127 30.26 8.60 0.47
N VAL B 128 29.46 9.39 1.19
CA VAL B 128 29.29 10.79 0.87
C VAL B 128 30.13 11.67 1.77
N SER B 129 31.17 11.09 2.35
CA SER B 129 32.05 11.82 3.25
C SER B 129 32.79 12.95 2.53
N GLY B 130 32.99 12.78 1.23
CA GLY B 130 33.72 13.77 0.45
C GLY B 130 32.87 14.91 -0.10
N VAL B 131 31.56 14.89 0.18
CA VAL B 131 30.64 15.88 -0.38
C VAL B 131 31.02 17.33 -0.08
N ASP B 132 31.72 17.56 1.02
CA ASP B 132 32.04 18.92 1.42
C ASP B 132 33.40 19.39 0.92
N THR B 133 34.04 18.58 0.08
CA THR B 133 35.37 18.89 -0.41
C THR B 133 35.36 19.22 -1.90
N GLU B 134 36.53 19.58 -2.43
CA GLU B 134 36.65 19.95 -3.84
C GLU B 134 36.52 18.71 -4.72
N SER B 135 37.15 17.61 -4.29
CA SER B 135 37.06 16.32 -4.98
C SER B 135 35.62 15.78 -4.98
N GLY B 136 34.83 16.24 -4.02
CA GLY B 136 33.43 15.84 -3.92
C GLY B 136 33.27 14.40 -3.49
N ALA B 137 32.06 13.89 -3.63
CA ALA B 137 31.82 12.50 -3.29
C ALA B 137 31.39 11.75 -4.53
N THR B 138 31.71 10.46 -4.57
CA THR B 138 31.44 9.69 -5.77
C THR B 138 30.58 8.49 -5.42
N CYS B 139 29.44 8.38 -6.09
CA CYS B 139 28.48 7.32 -5.84
C CYS B 139 28.30 6.52 -7.09
N LYS B 140 28.42 5.21 -6.97
CA LYS B 140 28.08 4.34 -8.08
C LYS B 140 26.63 3.89 -7.94
N LEU B 141 25.87 4.06 -9.01
CA LEU B 141 24.53 3.55 -9.06
C LEU B 141 24.58 2.36 -10.02
N LYS B 142 24.59 1.16 -9.46
CA LYS B 142 24.82 -0.04 -10.28
C LYS B 142 23.52 -0.83 -10.55
N PHE B 143 23.20 -1.02 -11.83
CA PHE B 143 21.96 -1.71 -12.24
C PHE B 143 22.25 -2.93 -13.08
N GLY B 144 21.41 -3.94 -12.94
CA GLY B 144 21.50 -5.16 -13.74
C GLY B 144 20.24 -5.99 -13.53
N SER B 145 19.99 -6.90 -14.45
CA SER B 145 18.89 -7.84 -14.32
C SER B 145 19.03 -8.68 -13.06
N TRP B 146 17.96 -8.81 -12.29
CA TRP B 146 18.00 -9.57 -11.05
C TRP B 146 18.10 -11.07 -11.30
N THR B 147 17.49 -11.56 -12.38
CA THR B 147 17.43 -13.01 -12.65
C THR B 147 17.73 -13.48 -14.08
N HIS B 148 18.04 -12.57 -15.00
CA HIS B 148 18.36 -13.01 -16.35
C HIS B 148 19.83 -12.78 -16.66
N HIS B 149 20.53 -13.85 -17.03
CA HIS B 149 21.91 -13.73 -17.47
C HIS B 149 22.07 -13.16 -18.89
N SER B 150 23.32 -12.94 -19.29
CA SER B 150 23.67 -12.29 -20.54
C SER B 150 23.07 -12.89 -21.79
N ARG B 151 22.90 -14.20 -21.81
CA ARG B 151 22.43 -14.89 -23.01
C ARG B 151 20.90 -15.00 -23.11
N GLU B 152 20.20 -14.49 -22.09
CA GLU B 152 18.76 -14.28 -22.17
C GLU B 152 18.52 -12.78 -22.32
N LEU B 153 19.29 -12.00 -21.58
CA LEU B 153 19.01 -10.59 -21.47
C LEU B 153 20.30 -9.84 -21.61
N ASP B 154 20.44 -9.18 -22.75
CA ASP B 154 21.68 -8.54 -23.11
C ASP B 154 21.58 -7.04 -22.87
N LEU B 155 21.99 -6.64 -21.66
CA LEU B 155 21.99 -5.25 -21.24
C LEU B 155 23.03 -4.41 -21.97
N GLN B 156 22.59 -3.36 -22.65
CA GLN B 156 23.53 -2.42 -23.27
C GLN B 156 23.26 -0.98 -22.85
N MET B 157 24.32 -0.18 -22.83
CA MET B 157 24.24 1.24 -22.48
C MET B 157 23.84 2.08 -23.67
N GLN B 158 22.95 3.03 -23.46
CA GLN B 158 22.66 4.05 -24.44
C GLN B 158 23.44 5.27 -23.98
N GLU B 159 23.74 6.17 -24.90
CA GLU B 159 24.40 7.43 -24.55
C GLU B 159 23.65 8.15 -23.41
N ALA B 160 24.34 8.39 -22.30
CA ALA B 160 23.74 9.01 -21.12
C ALA B 160 23.39 10.48 -21.38
N ASP B 161 22.86 11.16 -20.37
CA ASP B 161 22.40 12.54 -20.55
C ASP B 161 22.38 13.29 -19.22
N ILE B 162 23.02 14.45 -19.19
CA ILE B 162 23.10 15.22 -17.96
C ILE B 162 22.40 16.59 -18.08
N SER B 163 21.87 16.82 -19.28
CA SER B 163 21.14 18.04 -19.59
C SER B 163 19.95 18.27 -18.65
N GLY B 164 19.50 17.23 -17.97
CA GLY B 164 18.30 17.35 -17.15
C GLY B 164 18.52 17.84 -15.73
N TYR B 165 19.78 17.94 -15.31
CA TYR B 165 20.06 18.25 -13.91
C TYR B 165 19.56 19.64 -13.53
N ILE B 166 18.78 19.72 -12.46
CA ILE B 166 18.22 21.01 -12.03
C ILE B 166 19.33 21.98 -11.58
N PRO B 167 19.30 23.20 -12.12
CA PRO B 167 20.32 24.21 -11.85
C PRO B 167 20.32 24.78 -10.43
N TYR B 168 19.17 24.80 -9.77
CA TYR B 168 19.07 25.48 -8.48
C TYR B 168 19.29 24.56 -7.27
N SER B 169 19.77 23.35 -7.49
CA SER B 169 20.06 22.46 -6.37
C SER B 169 21.17 23.01 -5.51
N ARG B 170 21.32 22.48 -4.30
CA ARG B 170 22.43 22.88 -3.44
C ARG B 170 23.65 22.02 -3.76
N PHE B 171 23.45 20.97 -4.56
CA PHE B 171 24.56 20.14 -4.99
C PHE B 171 24.96 20.38 -6.43
N GLU B 172 26.22 20.75 -6.61
CA GLU B 172 26.77 20.89 -7.95
C GLU B 172 27.10 19.52 -8.51
N LEU B 173 26.63 19.25 -9.72
CA LEU B 173 26.90 18.00 -10.40
C LEU B 173 28.22 18.11 -11.17
N VAL B 174 29.28 17.52 -10.62
CA VAL B 174 30.62 17.59 -11.25
C VAL B 174 30.73 16.78 -12.55
N GLY B 175 30.25 15.54 -12.52
CA GLY B 175 30.24 14.69 -13.70
C GLY B 175 29.47 13.40 -13.49
N VAL B 176 29.19 12.71 -14.59
CA VAL B 176 28.51 11.42 -14.55
C VAL B 176 29.08 10.45 -15.60
N THR B 177 29.92 9.52 -15.17
CA THR B 177 30.41 8.49 -16.09
C THR B 177 29.58 7.21 -16.05
N GLN B 178 29.73 6.40 -17.09
CA GLN B 178 28.80 5.33 -17.39
C GLN B 178 29.62 4.12 -17.84
N LYS B 179 29.41 2.95 -17.25
CA LYS B 179 30.20 1.76 -17.60
C LYS B 179 29.40 0.45 -17.65
N ARG B 180 29.61 -0.30 -18.75
CA ARG B 180 29.00 -1.62 -18.89
C ARG B 180 29.98 -2.72 -18.53
N SER B 181 29.60 -3.58 -17.60
CA SER B 181 30.48 -4.66 -17.17
C SER B 181 29.82 -6.02 -17.30
N GLU B 182 30.63 -7.07 -17.27
CA GLU B 182 30.12 -8.42 -17.34
C GLU B 182 31.02 -9.35 -16.57
N ARG B 183 30.44 -10.09 -15.64
CA ARG B 183 31.18 -11.10 -14.90
C ARG B 183 30.43 -12.41 -14.67
N PHE B 184 31.21 -13.45 -14.37
CA PHE B 184 30.62 -14.67 -13.87
C PHE B 184 30.50 -14.57 -12.36
N TYR B 185 29.74 -15.48 -11.78
CA TYR B 185 29.68 -15.63 -10.33
C TYR B 185 29.96 -17.08 -10.04
N GLU B 186 30.59 -17.35 -8.91
CA GLU B 186 30.80 -18.73 -8.43
C GLU B 186 29.47 -19.49 -8.38
N CYS B 187 28.38 -18.74 -8.19
CA CYS B 187 27.03 -19.28 -8.11
C CYS B 187 26.58 -19.96 -9.39
N CYS B 188 26.08 -19.17 -10.33
CA CYS B 188 25.48 -19.67 -11.56
C CYS B 188 26.49 -19.80 -12.70
N LYS B 189 26.12 -20.56 -13.73
CA LYS B 189 27.08 -20.91 -14.78
C LYS B 189 27.15 -19.88 -15.90
N GLU B 190 26.15 -19.00 -15.96
CA GLU B 190 26.14 -18.00 -17.01
C GLU B 190 26.60 -16.65 -16.46
N PRO B 191 27.24 -15.83 -17.31
CA PRO B 191 27.72 -14.52 -16.86
C PRO B 191 26.57 -13.51 -16.81
N TYR B 192 26.71 -12.46 -16.00
CA TYR B 192 25.65 -11.42 -15.86
C TYR B 192 26.22 -10.05 -16.17
N PRO B 193 25.46 -9.27 -16.95
CA PRO B 193 25.93 -7.93 -17.31
C PRO B 193 25.34 -6.89 -16.38
N ASP B 194 26.11 -5.85 -16.09
CA ASP B 194 25.55 -4.74 -15.33
C ASP B 194 26.00 -3.40 -15.92
N VAL B 195 25.22 -2.37 -15.65
CA VAL B 195 25.59 -1.00 -15.99
C VAL B 195 25.69 -0.14 -14.73
N THR B 196 26.85 0.49 -14.54
CA THR B 196 27.08 1.39 -13.42
C THR B 196 27.15 2.86 -13.85
N PHE B 197 26.38 3.70 -13.20
CA PHE B 197 26.47 5.13 -13.42
C PHE B 197 27.21 5.75 -12.25
N THR B 198 28.37 6.30 -12.54
CA THR B 198 29.20 6.86 -11.49
C THR B 198 28.92 8.36 -11.46
N VAL B 199 28.47 8.84 -10.31
CA VAL B 199 28.11 10.25 -10.17
C VAL B 199 28.97 10.91 -9.13
N THR B 200 29.51 12.06 -9.49
CA THR B 200 30.37 12.84 -8.62
C THR B 200 29.71 14.21 -8.42
N PHE B 201 29.73 14.71 -7.21
CA PHE B 201 29.02 15.94 -6.92
C PHE B 201 29.52 16.48 -5.62
N ARG B 202 29.30 17.78 -5.39
CA ARG B 202 29.69 18.40 -4.13
C ARG B 202 28.74 19.55 -3.72
N LYS B 203 28.78 19.91 -2.44
CA LYS B 203 28.00 21.04 -1.94
C LYS B 203 28.55 22.35 -2.51
N LYS B 204 27.68 23.13 -3.15
CA LYS B 204 28.05 24.48 -3.56
C LYS B 204 28.42 25.31 -2.32
N GLY B 205 29.67 25.77 -2.27
CA GLY B 205 30.17 26.47 -1.10
C GLY B 205 30.44 25.55 0.09
N GLY C 1 10.62 -17.16 -24.57
CA GLY C 1 10.57 -17.84 -25.86
C GLY C 1 9.41 -18.80 -25.99
N GLU C 2 9.38 -19.54 -27.09
CA GLU C 2 8.25 -20.41 -27.38
C GLU C 2 8.13 -21.64 -26.47
N PHE C 3 9.26 -22.24 -26.15
CA PHE C 3 9.26 -23.33 -25.18
C PHE C 3 8.96 -22.83 -23.76
N GLN C 4 9.41 -21.62 -23.43
CA GLN C 4 9.11 -21.02 -22.12
C GLN C 4 7.61 -20.87 -21.92
N ARG C 5 6.93 -20.30 -22.92
CA ARG C 5 5.48 -20.17 -22.92
C ARG C 5 4.80 -21.52 -22.67
N LYS C 6 5.21 -22.52 -23.44
CA LYS C 6 4.64 -23.85 -23.34
C LYS C 6 4.93 -24.41 -21.96
N LEU C 7 6.13 -24.16 -21.45
CA LEU C 7 6.47 -24.61 -20.11
C LEU C 7 5.57 -23.93 -19.08
N TYR C 8 5.32 -22.63 -19.26
CA TYR C 8 4.46 -21.88 -18.35
C TYR C 8 3.12 -22.58 -18.19
N LYS C 9 2.44 -22.79 -19.30
CA LYS C 9 1.12 -23.39 -19.28
C LYS C 9 1.17 -24.75 -18.58
N GLU C 10 2.21 -25.52 -18.86
CA GLU C 10 2.37 -26.86 -18.28
C GLU C 10 2.63 -26.84 -16.78
N LEU C 11 3.35 -25.84 -16.31
CA LEU C 11 3.65 -25.77 -14.88
C LEU C 11 2.45 -25.28 -14.04
N VAL C 12 1.70 -24.31 -14.55
N VAL C 12 1.71 -24.28 -14.51
CA VAL C 12 0.64 -23.67 -13.78
CA VAL C 12 0.64 -23.70 -13.71
C VAL C 12 -0.58 -24.57 -13.55
C VAL C 12 -0.52 -24.66 -13.48
N LYS C 13 -0.79 -25.54 -14.44
CA LYS C 13 -1.92 -26.46 -14.31
C LYS C 13 -1.89 -27.26 -12.99
N ASN C 14 -2.92 -27.03 -12.18
CA ASN C 14 -3.04 -27.67 -10.86
C ASN C 14 -1.98 -27.26 -9.86
N TYR C 15 -1.13 -26.33 -10.22
CA TYR C 15 -0.20 -25.81 -9.24
C TYR C 15 -0.95 -24.98 -8.21
N ASN C 16 -0.72 -25.26 -6.94
CA ASN C 16 -1.39 -24.56 -5.86
C ASN C 16 -0.38 -23.96 -4.88
N PRO C 17 -0.19 -22.65 -4.92
CA PRO C 17 0.88 -22.03 -4.13
C PRO C 17 0.61 -21.98 -2.62
N ASP C 18 -0.57 -22.38 -2.18
CA ASP C 18 -0.84 -22.48 -0.74
C ASP C 18 -0.46 -23.84 -0.15
N VAL C 19 -0.04 -24.77 -1.00
CA VAL C 19 0.29 -26.10 -0.54
C VAL C 19 1.79 -26.38 -0.51
N ILE C 20 2.29 -26.68 0.68
CA ILE C 20 3.70 -26.96 0.86
C ILE C 20 4.02 -28.25 0.09
N PRO C 21 5.07 -28.20 -0.74
CA PRO C 21 5.35 -29.30 -1.68
C PRO C 21 6.03 -30.52 -1.02
N THR C 22 5.50 -30.98 0.10
CA THR C 22 6.06 -32.15 0.76
C THR C 22 5.81 -33.36 -0.10
N GLN C 23 6.49 -34.45 0.24
CA GLN C 23 6.31 -35.70 -0.45
C GLN C 23 6.55 -36.81 0.54
N ARG C 24 5.48 -37.50 0.91
CA ARG C 24 5.51 -38.67 1.80
C ARG C 24 6.58 -38.62 2.91
N ASP C 25 6.16 -38.20 4.11
CA ASP C 25 7.03 -37.97 5.27
C ASP C 25 8.26 -37.06 5.08
N ARG C 26 8.82 -37.03 3.87
CA ARG C 26 9.94 -36.14 3.58
C ARG C 26 9.52 -34.68 3.66
N PRO C 27 10.08 -33.95 4.63
CA PRO C 27 9.81 -32.52 4.69
C PRO C 27 10.49 -31.84 3.51
N VAL C 28 9.97 -30.70 3.09
CA VAL C 28 10.72 -29.89 2.13
C VAL C 28 11.85 -29.28 2.91
N THR C 29 13.08 -29.56 2.52
CA THR C 29 14.21 -28.95 3.19
C THR C 29 14.48 -27.57 2.60
N VAL C 30 14.65 -26.57 3.46
CA VAL C 30 14.85 -25.19 3.06
C VAL C 30 16.22 -24.70 3.51
N TYR C 31 17.07 -24.32 2.55
CA TYR C 31 18.40 -23.78 2.83
C TYR C 31 18.33 -22.27 2.99
N PHE C 32 19.11 -21.73 3.93
CA PHE C 32 18.89 -20.36 4.36
C PHE C 32 20.13 -19.74 4.94
N SER C 33 20.44 -18.53 4.47
CA SER C 33 21.58 -17.80 4.99
C SER C 33 21.36 -16.31 4.76
N LEU C 34 22.09 -15.51 5.53
CA LEU C 34 21.89 -14.07 5.54
C LEU C 34 23.23 -13.39 5.32
N SER C 35 23.31 -12.51 4.32
CA SER C 35 24.49 -11.67 4.15
C SER C 35 24.16 -10.25 4.60
N LEU C 36 24.69 -9.86 5.75
CA LEU C 36 24.55 -8.50 6.24
C LEU C 36 25.32 -7.51 5.37
N LEU C 37 24.63 -6.48 4.89
CA LEU C 37 25.25 -5.53 3.98
C LEU C 37 25.44 -4.17 4.64
N GLN C 38 24.45 -3.74 5.42
CA GLN C 38 24.52 -2.40 5.99
C GLN C 38 23.73 -2.27 7.30
N ILE C 39 24.32 -1.56 8.27
CA ILE C 39 23.63 -1.20 9.52
C ILE C 39 23.16 0.25 9.48
N MET C 40 21.93 0.46 9.04
CA MET C 40 21.43 1.80 8.80
C MET C 40 21.32 2.66 10.05
N ASP C 41 20.99 2.04 11.19
CA ASP C 41 20.70 2.84 12.36
C ASP C 41 20.81 2.11 13.68
N VAL C 42 21.02 2.88 14.73
CA VAL C 42 21.03 2.39 16.09
C VAL C 42 20.26 3.36 16.98
N ASP C 43 19.25 2.83 17.67
CA ASP C 43 18.42 3.62 18.56
C ASP C 43 18.68 3.15 19.99
N GLU C 44 19.55 3.86 20.71
CA GLU C 44 19.92 3.45 22.06
C GLU C 44 18.81 3.69 23.09
N LYS C 45 17.76 4.40 22.69
CA LYS C 45 16.65 4.69 23.59
C LYS C 45 15.53 3.66 23.48
N ASN C 46 15.21 3.26 22.25
CA ASN C 46 14.14 2.30 22.06
C ASN C 46 14.67 0.89 21.82
N GLN C 47 15.99 0.76 21.82
CA GLN C 47 16.66 -0.53 21.65
C GLN C 47 16.25 -1.25 20.38
N VAL C 48 16.44 -0.59 19.25
CA VAL C 48 16.19 -1.19 17.95
C VAL C 48 17.42 -1.00 17.07
N VAL C 49 17.60 -1.90 16.10
CA VAL C 49 18.65 -1.75 15.12
C VAL C 49 18.04 -1.87 13.73
N ASP C 50 18.50 -1.04 12.81
CA ASP C 50 17.94 -1.00 11.45
C ASP C 50 18.99 -1.60 10.52
N VAL C 51 18.64 -2.66 9.80
CA VAL C 51 19.63 -3.30 8.94
C VAL C 51 19.15 -3.60 7.54
N VAL C 52 20.10 -3.56 6.61
CA VAL C 52 19.88 -3.99 5.24
C VAL C 52 20.66 -5.28 5.11
N PHE C 53 20.04 -6.30 4.52
CA PHE C 53 20.70 -7.58 4.41
C PHE C 53 20.14 -8.37 3.25
N TRP C 54 20.93 -9.34 2.79
CA TRP C 54 20.62 -10.16 1.63
C TRP C 54 20.33 -11.59 2.05
N LEU C 55 19.08 -12.00 1.92
CA LEU C 55 18.68 -13.36 2.21
C LEU C 55 18.91 -14.27 1.01
N GLN C 56 19.56 -15.41 1.25
CA GLN C 56 19.56 -16.51 0.31
C GLN C 56 18.65 -17.61 0.84
N MET C 57 17.64 -17.96 0.05
CA MET C 57 16.74 -19.06 0.38
C MET C 57 16.61 -20.02 -0.79
N SER C 58 16.75 -21.31 -0.53
CA SER C 58 16.50 -22.30 -1.59
C SER C 58 15.82 -23.58 -1.08
N TRP C 59 15.04 -24.21 -1.96
CA TRP C 59 14.35 -25.46 -1.67
C TRP C 59 13.89 -26.11 -2.96
N THR C 60 13.37 -27.33 -2.84
CA THR C 60 12.90 -28.06 -4.00
C THR C 60 11.39 -28.22 -4.00
N ASP C 61 10.77 -27.84 -5.11
CA ASP C 61 9.35 -28.02 -5.31
C ASP C 61 9.15 -29.03 -6.44
N HIS C 62 8.81 -30.27 -6.09
CA HIS C 62 8.81 -31.35 -7.08
C HIS C 62 7.70 -31.19 -8.11
N TYR C 63 6.74 -30.30 -7.84
CA TYR C 63 5.68 -29.99 -8.81
C TYR C 63 6.17 -29.05 -9.91
N LEU C 64 7.39 -28.53 -9.76
CA LEU C 64 7.95 -27.56 -10.71
C LEU C 64 9.06 -28.16 -11.59
N GLN C 65 9.22 -29.47 -11.58
CA GLN C 65 10.27 -30.04 -12.41
C GLN C 65 9.77 -30.30 -13.83
N TRP C 66 10.69 -30.45 -14.78
CA TRP C 66 10.31 -30.80 -16.14
C TRP C 66 11.50 -31.46 -16.83
N ASN C 67 11.29 -32.00 -18.02
CA ASN C 67 12.40 -32.58 -18.78
C ASN C 67 12.93 -31.65 -19.85
N VAL C 68 14.21 -31.31 -19.72
CA VAL C 68 14.87 -30.47 -20.71
C VAL C 68 14.76 -31.07 -22.12
N SER C 69 14.62 -32.39 -22.21
CA SER C 69 14.31 -33.04 -23.49
C SER C 69 13.07 -32.40 -24.09
N GLU C 70 12.00 -32.37 -23.32
CA GLU C 70 10.74 -31.77 -23.76
C GLU C 70 10.84 -30.27 -24.02
N TYR C 71 11.70 -29.58 -23.28
CA TYR C 71 11.83 -28.12 -23.40
C TYR C 71 13.27 -27.71 -23.67
N PRO C 72 13.74 -27.93 -24.91
CA PRO C 72 15.13 -27.82 -25.40
C PRO C 72 15.99 -26.72 -24.79
N GLY C 73 15.71 -25.46 -25.12
CA GLY C 73 16.51 -24.38 -24.57
C GLY C 73 16.35 -24.14 -23.06
N VAL C 74 15.19 -24.46 -22.50
CA VAL C 74 14.85 -24.04 -21.15
C VAL C 74 15.52 -24.84 -20.03
N LYS C 75 16.49 -24.20 -19.36
CA LYS C 75 17.15 -24.80 -18.20
C LYS C 75 16.64 -24.18 -16.91
N GLN C 76 16.22 -22.93 -16.99
CA GLN C 76 15.62 -22.29 -15.83
C GLN C 76 14.72 -21.15 -16.23
N VAL C 77 13.76 -20.85 -15.36
CA VAL C 77 12.85 -19.75 -15.59
C VAL C 77 12.76 -18.81 -14.39
N SER C 78 12.34 -17.58 -14.65
CA SER C 78 12.15 -16.57 -13.61
C SER C 78 10.67 -16.51 -13.27
N VAL C 79 10.34 -16.74 -12.00
CA VAL C 79 8.94 -16.82 -11.58
C VAL C 79 8.66 -15.80 -10.50
N PRO C 80 7.58 -15.02 -10.67
CA PRO C 80 7.20 -14.10 -9.61
C PRO C 80 6.81 -14.95 -8.42
N ILE C 81 7.39 -14.67 -7.25
CA ILE C 81 7.17 -15.50 -6.09
C ILE C 81 5.70 -15.57 -5.70
N SER C 82 4.93 -14.57 -6.09
CA SER C 82 3.50 -14.59 -5.78
C SER C 82 2.81 -15.72 -6.50
N SER C 83 3.50 -16.41 -7.40
CA SER C 83 2.89 -17.55 -8.07
C SER C 83 3.35 -18.85 -7.47
N LEU C 84 4.21 -18.77 -6.46
CA LEU C 84 4.80 -19.97 -5.90
C LEU C 84 4.52 -20.13 -4.43
N TRP C 85 4.61 -21.36 -3.97
CA TRP C 85 4.74 -21.61 -2.55
C TRP C 85 6.10 -21.09 -2.15
N VAL C 86 6.16 -20.45 -0.99
CA VAL C 86 7.43 -19.93 -0.48
C VAL C 86 7.42 -20.22 1.02
N PRO C 87 8.58 -20.52 1.59
CA PRO C 87 8.58 -20.74 3.04
C PRO C 87 8.05 -19.53 3.78
N ASP C 88 7.30 -19.76 4.87
CA ASP C 88 6.79 -18.69 5.72
C ASP C 88 7.78 -18.31 6.81
N LEU C 89 8.99 -17.93 6.43
CA LEU C 89 10.00 -17.55 7.42
C LEU C 89 9.65 -16.22 8.04
N ALA C 90 9.54 -16.22 9.36
CA ALA C 90 9.26 -15.01 10.09
C ALA C 90 10.52 -14.56 10.80
N ALA C 91 10.71 -13.24 10.85
CA ALA C 91 11.74 -12.65 11.68
C ALA C 91 11.18 -12.50 13.10
N TYR C 92 11.57 -13.42 13.98
CA TYR C 92 11.01 -13.54 15.32
C TYR C 92 11.04 -12.24 16.15
N ASN C 93 12.13 -11.49 16.08
CA ASN C 93 12.23 -10.29 16.91
C ASN C 93 12.25 -8.98 16.13
N ALA C 94 11.59 -8.97 14.97
CA ALA C 94 11.43 -7.76 14.19
C ALA C 94 10.39 -6.81 14.80
N ILE C 95 10.60 -5.51 14.71
CA ILE C 95 9.60 -4.59 15.21
C ILE C 95 9.01 -3.78 14.09
N SER C 96 9.35 -4.16 12.86
CA SER C 96 8.84 -3.50 11.66
C SER C 96 8.69 -4.49 10.52
N LYS C 97 7.71 -4.24 9.65
CA LYS C 97 7.50 -5.04 8.46
C LYS C 97 8.76 -5.02 7.61
N PRO C 98 9.05 -6.12 6.89
CA PRO C 98 10.22 -6.10 6.01
C PRO C 98 9.98 -5.22 4.78
N GLU C 99 10.97 -4.43 4.41
CA GLU C 99 10.90 -3.72 3.14
C GLU C 99 11.78 -4.50 2.16
N VAL C 100 11.16 -5.07 1.13
CA VAL C 100 11.91 -5.80 0.10
C VAL C 100 12.44 -4.89 -1.00
N LEU C 101 13.75 -4.85 -1.17
CA LEU C 101 14.36 -3.88 -2.08
C LEU C 101 14.42 -4.34 -3.53
N THR C 102 14.39 -5.65 -3.74
CA THR C 102 14.71 -6.23 -5.04
C THR C 102 13.47 -6.78 -5.75
N PRO C 103 13.54 -6.96 -7.09
CA PRO C 103 12.40 -7.55 -7.78
C PRO C 103 12.01 -8.88 -7.14
N GLN C 104 10.71 -9.09 -6.90
N GLN C 104 10.70 -9.08 -6.96
CA GLN C 104 10.25 -10.27 -6.17
CA GLN C 104 10.16 -10.26 -6.31
C GLN C 104 10.10 -11.49 -7.10
C GLN C 104 10.05 -11.43 -7.26
N LEU C 105 11.21 -11.90 -7.68
CA LEU C 105 11.27 -13.01 -8.60
C LEU C 105 12.18 -14.11 -8.05
N ALA C 106 11.74 -15.35 -8.19
CA ALA C 106 12.60 -16.47 -7.85
C ALA C 106 13.06 -17.17 -9.13
N LEU C 107 14.18 -17.90 -9.03
CA LEU C 107 14.73 -18.71 -10.14
C LEU C 107 14.44 -20.20 -9.94
N VAL C 108 13.88 -20.84 -10.94
CA VAL C 108 13.53 -22.24 -10.82
C VAL C 108 14.23 -23.02 -11.93
N ASN C 109 14.88 -24.14 -11.59
CA ASN C 109 15.47 -24.99 -12.61
C ASN C 109 14.63 -26.24 -12.93
N SER C 110 15.15 -27.10 -13.79
CA SER C 110 14.39 -28.25 -14.28
C SER C 110 14.24 -29.37 -13.27
N SER C 111 15.00 -29.29 -12.18
CA SER C 111 14.85 -30.21 -11.05
C SER C 111 13.75 -29.75 -10.10
N GLY C 112 13.21 -28.56 -10.32
CA GLY C 112 12.25 -27.99 -9.40
C GLY C 112 12.96 -27.29 -8.26
N HIS C 113 14.21 -26.90 -8.47
CA HIS C 113 14.94 -26.21 -7.40
C HIS C 113 14.79 -24.70 -7.51
N VAL C 114 14.20 -24.13 -6.47
CA VAL C 114 13.89 -22.72 -6.40
C VAL C 114 14.99 -21.99 -5.62
N GLN C 115 15.36 -20.80 -6.12
CA GLN C 115 16.30 -19.92 -5.42
C GLN C 115 15.64 -18.56 -5.33
N TYR C 116 15.50 -18.03 -4.12
CA TYR C 116 14.91 -16.73 -3.93
C TYR C 116 15.91 -15.92 -3.12
N LEU C 117 16.36 -14.80 -3.68
CA LEU C 117 17.46 -14.04 -3.11
C LEU C 117 17.09 -12.56 -2.85
N PRO C 118 16.09 -12.33 -1.99
CA PRO C 118 15.66 -10.95 -1.81
C PRO C 118 16.63 -10.12 -0.96
N SER C 119 16.83 -8.86 -1.35
CA SER C 119 17.49 -7.91 -0.48
C SER C 119 16.44 -7.21 0.40
N ILE C 120 16.73 -7.06 1.69
CA ILE C 120 15.71 -6.61 2.63
C ILE C 120 16.24 -5.60 3.65
N ARG C 121 15.48 -4.52 3.83
CA ARG C 121 15.71 -3.61 4.95
C ARG C 121 14.63 -3.80 6.00
N GLN C 122 15.06 -3.92 7.26
CA GLN C 122 14.15 -4.25 8.34
C GLN C 122 14.70 -3.82 9.68
N ARG C 123 13.80 -3.49 10.62
CA ARG C 123 14.22 -3.12 11.97
C ARG C 123 13.95 -4.22 13.00
N PHE C 124 14.85 -4.33 13.97
CA PHE C 124 14.80 -5.41 14.93
C PHE C 124 15.02 -4.90 16.34
N SER C 125 14.33 -5.50 17.30
CA SER C 125 14.60 -5.25 18.70
C SER C 125 15.97 -5.83 19.05
N CYS C 126 16.81 -5.04 19.69
CA CYS C 126 18.11 -5.53 20.14
C CYS C 126 18.68 -4.61 21.22
N ASP C 127 19.48 -5.18 22.12
CA ASP C 127 20.18 -4.41 23.12
C ASP C 127 21.46 -3.81 22.50
N VAL C 128 21.39 -2.55 22.10
CA VAL C 128 22.49 -1.90 21.40
C VAL C 128 23.28 -0.99 22.32
N SER C 129 23.10 -1.16 23.62
CA SER C 129 23.72 -0.27 24.60
C SER C 129 25.23 -0.38 24.58
N GLY C 130 25.75 -1.52 24.11
CA GLY C 130 27.17 -1.75 24.11
C GLY C 130 27.86 -1.20 22.88
N VAL C 131 27.08 -0.57 22.01
CA VAL C 131 27.57 -0.14 20.70
C VAL C 131 28.78 0.77 20.77
N ASP C 132 28.87 1.59 21.81
CA ASP C 132 29.93 2.58 21.92
C ASP C 132 31.15 2.05 22.64
N THR C 133 31.06 0.83 23.15
CA THR C 133 32.18 0.23 23.89
C THR C 133 33.14 -0.47 22.96
N GLU C 134 34.25 -0.94 23.52
CA GLU C 134 35.19 -1.76 22.79
C GLU C 134 34.56 -3.14 22.58
N SER C 135 33.76 -3.55 23.56
CA SER C 135 33.08 -4.83 23.52
C SER C 135 31.95 -4.88 22.49
N GLY C 136 31.54 -3.71 22.01
CA GLY C 136 30.51 -3.63 20.98
C GLY C 136 29.13 -4.05 21.44
N ALA C 137 28.16 -3.95 20.55
CA ALA C 137 26.81 -4.43 20.80
C ALA C 137 26.51 -5.70 20.01
N THR C 138 25.64 -6.54 20.55
CA THR C 138 25.32 -7.80 19.93
C THR C 138 23.82 -7.93 19.65
N CYS C 139 23.49 -8.22 18.40
CA CYS C 139 22.10 -8.36 17.99
C CYS C 139 21.86 -9.76 17.43
N LYS C 140 20.73 -10.35 17.81
CA LYS C 140 20.37 -11.67 17.30
C LYS C 140 19.19 -11.54 16.34
N LEU C 141 19.38 -12.01 15.11
CA LEU C 141 18.32 -11.98 14.10
C LEU C 141 17.79 -13.41 13.96
N LYS C 142 16.59 -13.65 14.49
CA LYS C 142 16.07 -15.00 14.60
C LYS C 142 14.99 -15.25 13.56
N PHE C 143 15.23 -16.17 12.63
CA PHE C 143 14.20 -16.51 11.66
C PHE C 143 13.71 -17.95 11.80
N GLY C 144 12.47 -18.18 11.37
CA GLY C 144 11.92 -19.52 11.37
C GLY C 144 10.53 -19.59 10.75
N SER C 145 10.13 -20.80 10.37
CA SER C 145 8.80 -21.01 9.84
C SER C 145 7.80 -20.67 10.92
N TRP C 146 6.82 -19.84 10.56
CA TRP C 146 5.83 -19.40 11.51
C TRP C 146 4.80 -20.49 11.78
N THR C 147 4.56 -21.38 10.81
CA THR C 147 3.52 -22.39 10.96
C THR C 147 3.89 -23.84 10.60
N HIS C 148 5.11 -24.10 10.14
CA HIS C 148 5.45 -25.48 9.76
C HIS C 148 6.53 -26.05 10.66
N HIS C 149 6.26 -27.20 11.26
CA HIS C 149 7.23 -27.83 12.15
C HIS C 149 8.37 -28.53 11.42
N SER C 150 9.32 -29.05 12.22
CA SER C 150 10.48 -29.81 11.73
C SER C 150 10.18 -30.83 10.65
N ARG C 151 9.18 -31.67 10.87
CA ARG C 151 8.91 -32.76 9.95
C ARG C 151 8.14 -32.33 8.71
N GLU C 152 7.86 -31.03 8.62
CA GLU C 152 7.18 -30.46 7.45
C GLU C 152 8.13 -29.58 6.65
N LEU C 153 8.82 -28.69 7.33
CA LEU C 153 9.78 -27.78 6.70
C LEU C 153 11.10 -27.86 7.46
N ASP C 154 12.13 -28.37 6.80
CA ASP C 154 13.41 -28.58 7.44
C ASP C 154 14.40 -27.45 7.18
N LEU C 155 14.47 -26.49 8.09
CA LEU C 155 15.31 -25.32 7.95
C LEU C 155 16.78 -25.66 8.15
N GLN C 156 17.60 -25.34 7.16
CA GLN C 156 19.02 -25.61 7.23
C GLN C 156 19.86 -24.40 6.81
N MET C 157 20.84 -24.07 7.64
CA MET C 157 21.79 -23.02 7.35
C MET C 157 22.61 -23.34 6.12
N GLN C 158 22.99 -22.31 5.38
CA GLN C 158 23.99 -22.44 4.32
C GLN C 158 25.17 -21.61 4.79
N GLU C 159 26.23 -21.57 3.98
CA GLU C 159 27.42 -20.80 4.32
C GLU C 159 27.10 -19.30 4.44
N ALA C 160 27.41 -18.71 5.59
CA ALA C 160 27.19 -17.29 5.77
C ALA C 160 28.25 -16.50 5.00
N ASP C 161 28.08 -15.19 4.92
CA ASP C 161 28.93 -14.38 4.06
C ASP C 161 29.09 -12.96 4.61
N ILE C 162 30.33 -12.53 4.82
CA ILE C 162 30.60 -11.19 5.36
C ILE C 162 31.17 -10.27 4.28
N SER C 163 31.39 -10.82 3.08
CA SER C 163 32.02 -10.06 2.00
C SER C 163 31.20 -8.84 1.58
N GLY C 164 29.89 -8.91 1.76
CA GLY C 164 29.00 -7.88 1.27
C GLY C 164 28.94 -6.61 2.08
N TYR C 165 29.46 -6.66 3.30
CA TYR C 165 29.34 -5.53 4.22
C TYR C 165 30.09 -4.28 3.73
N ILE C 166 29.42 -3.13 3.69
CA ILE C 166 30.07 -1.93 3.18
C ILE C 166 31.21 -1.43 4.09
N PRO C 167 32.34 -1.04 3.48
CA PRO C 167 33.50 -0.60 4.26
C PRO C 167 33.34 0.78 4.89
N TYR C 168 32.66 1.69 4.20
CA TYR C 168 32.57 3.07 4.66
C TYR C 168 31.48 3.30 5.72
N SER C 169 30.97 2.20 6.27
CA SER C 169 30.08 2.22 7.41
C SER C 169 30.68 2.99 8.58
N ARG C 170 29.83 3.58 9.42
CA ARG C 170 30.31 4.22 10.63
C ARG C 170 30.32 3.21 11.77
N PHE C 171 29.79 2.02 11.47
CA PHE C 171 29.85 0.91 12.41
C PHE C 171 30.85 -0.13 11.92
N GLU C 172 31.68 -0.61 12.83
CA GLU C 172 32.63 -1.67 12.53
C GLU C 172 31.99 -3.03 12.80
N LEU C 173 32.13 -3.96 11.86
CA LEU C 173 31.49 -5.27 11.99
C LEU C 173 32.40 -6.35 12.56
N VAL C 174 32.46 -6.45 13.89
CA VAL C 174 33.37 -7.37 14.58
C VAL C 174 33.23 -8.86 14.21
N GLY C 175 32.03 -9.40 14.40
CA GLY C 175 31.77 -10.80 14.12
C GLY C 175 30.30 -11.13 13.86
N VAL C 176 30.09 -12.11 13.00
CA VAL C 176 28.77 -12.65 12.74
C VAL C 176 28.84 -14.17 12.92
N THR C 177 28.03 -14.71 13.84
CA THR C 177 27.92 -16.17 14.01
C THR C 177 26.53 -16.67 13.63
N GLN C 178 26.40 -17.98 13.45
CA GLN C 178 25.29 -18.54 12.70
C GLN C 178 24.90 -19.91 13.27
N LYS C 179 23.82 -19.95 14.06
CA LYS C 179 23.43 -21.17 14.76
C LYS C 179 22.01 -21.65 14.41
N ARG C 180 21.84 -22.97 14.33
CA ARG C 180 20.52 -23.53 14.12
C ARG C 180 20.01 -24.02 15.46
N SER C 181 18.72 -23.82 15.71
CA SER C 181 18.08 -24.29 16.94
C SER C 181 16.77 -25.02 16.63
N GLU C 182 16.23 -25.69 17.64
CA GLU C 182 14.99 -26.44 17.49
C GLU C 182 14.25 -26.31 18.79
N ARG C 183 13.11 -25.63 18.78
CA ARG C 183 12.43 -25.31 20.02
C ARG C 183 11.06 -25.98 20.13
N PHE C 184 10.79 -26.57 21.29
CA PHE C 184 9.48 -27.14 21.54
C PHE C 184 8.57 -26.17 22.25
N TYR C 185 7.50 -25.76 21.58
CA TYR C 185 6.49 -24.94 22.21
C TYR C 185 5.42 -25.85 22.81
N GLU C 186 4.92 -25.49 23.98
CA GLU C 186 4.06 -26.36 24.78
C GLU C 186 2.73 -26.74 24.11
N CYS C 187 2.52 -26.24 22.90
CA CYS C 187 1.32 -26.53 22.12
C CYS C 187 1.40 -27.89 21.42
N CYS C 188 2.54 -28.13 20.78
CA CYS C 188 2.64 -29.21 19.80
C CYS C 188 3.65 -30.28 20.20
N LYS C 189 3.55 -31.45 19.56
CA LYS C 189 4.53 -32.50 19.75
C LYS C 189 5.83 -32.12 19.05
N GLU C 190 5.73 -31.88 17.76
CA GLU C 190 6.90 -31.59 16.94
C GLU C 190 7.55 -30.26 17.37
N PRO C 191 8.86 -30.11 17.11
CA PRO C 191 9.58 -28.86 17.36
C PRO C 191 9.55 -27.93 16.14
N TYR C 192 9.87 -26.65 16.33
CA TYR C 192 9.97 -25.72 15.22
C TYR C 192 11.39 -25.20 15.12
N PRO C 193 12.06 -25.48 13.99
CA PRO C 193 13.46 -25.09 13.79
C PRO C 193 13.65 -23.60 13.48
N ASP C 194 14.60 -22.98 14.14
CA ASP C 194 14.93 -21.58 13.87
C ASP C 194 16.44 -21.40 13.64
N VAL C 195 16.77 -20.58 12.65
CA VAL C 195 18.17 -20.21 12.39
C VAL C 195 18.41 -18.81 12.96
N THR C 196 19.52 -18.63 13.66
CA THR C 196 19.80 -17.34 14.27
C THR C 196 21.16 -16.76 13.90
N PHE C 197 21.16 -15.53 13.40
CA PHE C 197 22.40 -14.80 13.12
C PHE C 197 22.68 -13.78 14.21
N THR C 198 23.83 -13.92 14.84
CA THR C 198 24.26 -13.03 15.90
C THR C 198 25.39 -12.15 15.40
N VAL C 199 25.14 -10.85 15.24
CA VAL C 199 26.17 -9.96 14.73
C VAL C 199 26.65 -9.01 15.81
N THR C 200 27.96 -8.91 15.97
CA THR C 200 28.57 -8.02 16.96
C THR C 200 29.24 -6.86 16.23
N PHE C 201 28.94 -5.64 16.68
CA PHE C 201 29.42 -4.44 15.99
C PHE C 201 29.57 -3.26 16.94
N ARG C 202 30.27 -2.22 16.48
CA ARG C 202 30.51 -1.05 17.31
C ARG C 202 30.87 0.17 16.45
N LYS C 203 30.70 1.35 17.02
CA LYS C 203 31.00 2.58 16.31
C LYS C 203 32.50 2.67 16.05
N LYS C 204 32.89 3.30 14.95
CA LYS C 204 34.30 3.41 14.61
C LYS C 204 34.94 4.62 15.30
N GLY C 205 36.27 4.63 15.34
CA GLY C 205 36.99 5.71 16.00
C GLY C 205 36.83 5.66 17.51
N GLY D 1 2.25 -32.47 -0.53
CA GLY D 1 1.93 -33.89 -0.67
C GLY D 1 0.62 -34.09 -1.41
N GLU D 2 0.41 -35.31 -1.91
CA GLU D 2 -0.79 -35.63 -2.69
C GLU D 2 -2.10 -35.35 -1.95
N PHE D 3 -2.16 -35.61 -0.65
CA PHE D 3 -3.43 -35.46 0.07
C PHE D 3 -3.73 -34.02 0.52
N GLN D 4 -2.71 -33.22 0.84
CA GLN D 4 -3.01 -31.82 1.16
C GLN D 4 -3.63 -31.15 -0.05
N ARG D 5 -3.15 -31.48 -1.25
CA ARG D 5 -3.75 -30.95 -2.47
C ARG D 5 -5.22 -31.37 -2.58
N LYS D 6 -5.51 -32.64 -2.29
CA LYS D 6 -6.86 -33.16 -2.41
C LYS D 6 -7.77 -32.46 -1.42
N LEU D 7 -7.29 -32.33 -0.19
CA LEU D 7 -8.07 -31.74 0.88
C LEU D 7 -8.41 -30.28 0.55
N TYR D 8 -7.54 -29.62 -0.21
CA TYR D 8 -7.75 -28.23 -0.57
C TYR D 8 -8.97 -28.10 -1.47
N LYS D 9 -8.91 -28.74 -2.63
CA LYS D 9 -10.05 -28.71 -3.56
C LYS D 9 -11.38 -29.06 -2.86
N GLU D 10 -11.33 -29.98 -1.90
CA GLU D 10 -12.51 -30.36 -1.13
C GLU D 10 -13.03 -29.22 -0.24
N LEU D 11 -12.17 -28.70 0.62
CA LEU D 11 -12.54 -27.61 1.51
C LEU D 11 -12.98 -26.35 0.79
N VAL D 12 -12.23 -25.93 -0.23
CA VAL D 12 -12.49 -24.65 -0.91
C VAL D 12 -13.88 -24.60 -1.56
N LYS D 13 -14.32 -25.72 -2.10
CA LYS D 13 -15.69 -25.74 -2.59
C LYS D 13 -16.57 -25.79 -1.35
N ASN D 14 -17.67 -25.06 -1.38
CA ASN D 14 -18.52 -24.92 -0.20
C ASN D 14 -17.83 -24.28 1.00
N TYR D 15 -16.90 -23.36 0.76
CA TYR D 15 -16.42 -22.55 1.85
C TYR D 15 -16.66 -21.08 1.56
N ASN D 16 -17.24 -20.37 2.54
CA ASN D 16 -17.52 -18.96 2.41
C ASN D 16 -16.95 -18.22 3.59
N PRO D 17 -15.89 -17.44 3.36
CA PRO D 17 -15.15 -16.79 4.45
C PRO D 17 -15.84 -15.52 4.94
N ASP D 18 -16.97 -15.19 4.36
CA ASP D 18 -17.70 -14.04 4.85
C ASP D 18 -18.80 -14.44 5.87
N VAL D 19 -19.03 -15.74 6.05
CA VAL D 19 -20.12 -16.17 6.93
C VAL D 19 -19.58 -16.76 8.22
N ILE D 20 -19.85 -16.10 9.34
CA ILE D 20 -19.37 -16.57 10.63
C ILE D 20 -19.95 -17.99 10.83
N PRO D 21 -19.12 -18.94 11.25
CA PRO D 21 -19.60 -20.33 11.32
C PRO D 21 -20.34 -20.65 12.62
N THR D 22 -21.46 -19.98 12.87
CA THR D 22 -22.25 -20.26 14.06
C THR D 22 -23.17 -21.43 13.75
N GLN D 23 -23.71 -22.06 14.79
CA GLN D 23 -24.75 -23.06 14.62
C GLN D 23 -25.85 -22.66 15.59
N ARG D 24 -27.06 -23.18 15.41
CA ARG D 24 -28.19 -22.79 16.26
C ARG D 24 -27.84 -23.02 17.72
N ASP D 25 -28.11 -22.00 18.54
CA ASP D 25 -27.75 -22.01 19.96
C ASP D 25 -26.26 -22.09 20.22
N ARG D 26 -25.44 -22.04 19.16
CA ARG D 26 -24.00 -22.18 19.34
C ARG D 26 -23.23 -21.02 18.75
N PRO D 27 -22.91 -20.03 19.60
CA PRO D 27 -21.99 -18.96 19.19
C PRO D 27 -20.65 -19.60 18.85
N VAL D 28 -19.87 -18.94 18.00
CA VAL D 28 -18.50 -19.31 17.78
C VAL D 28 -17.72 -18.75 18.94
N THR D 29 -17.15 -19.62 19.77
CA THR D 29 -16.37 -19.12 20.89
C THR D 29 -14.94 -18.88 20.46
N VAL D 30 -14.40 -17.72 20.85
CA VAL D 30 -13.11 -17.29 20.37
C VAL D 30 -12.23 -17.06 21.59
N TYR D 31 -11.19 -17.87 21.75
CA TYR D 31 -10.29 -17.74 22.89
C TYR D 31 -9.24 -16.73 22.54
N PHE D 32 -9.03 -15.76 23.41
CA PHE D 32 -8.19 -14.61 23.08
C PHE D 32 -7.20 -14.35 24.21
N SER D 33 -5.99 -13.94 23.83
CA SER D 33 -4.97 -13.57 24.81
C SER D 33 -3.92 -12.64 24.20
N LEU D 34 -3.19 -11.92 25.06
CA LEU D 34 -2.19 -10.96 24.61
C LEU D 34 -0.90 -11.13 25.37
N SER D 35 0.21 -11.25 24.64
CA SER D 35 1.54 -11.25 25.25
C SER D 35 2.26 -9.96 24.84
N LEU D 36 2.47 -9.06 25.79
CA LEU D 36 3.14 -7.80 25.51
C LEU D 36 4.65 -8.00 25.36
N LEU D 37 5.18 -7.67 24.18
CA LEU D 37 6.60 -7.90 23.89
C LEU D 37 7.51 -6.71 24.21
N GLN D 38 7.13 -5.51 23.78
CA GLN D 38 7.94 -4.36 24.09
C GLN D 38 7.14 -3.08 24.00
N ILE D 39 7.39 -2.17 24.93
CA ILE D 39 6.88 -0.82 24.82
C ILE D 39 7.90 -0.01 24.05
N MET D 40 7.51 0.44 22.86
CA MET D 40 8.43 1.05 21.91
C MET D 40 8.61 2.54 22.14
N ASP D 41 7.53 3.20 22.52
CA ASP D 41 7.59 4.62 22.79
C ASP D 41 6.47 5.08 23.67
N VAL D 42 6.70 6.18 24.36
CA VAL D 42 5.65 6.87 25.10
C VAL D 42 5.64 8.33 24.66
N ASP D 43 4.46 8.83 24.35
CA ASP D 43 4.29 10.20 23.90
C ASP D 43 3.49 10.98 24.94
N GLU D 44 4.20 11.61 25.87
CA GLU D 44 3.55 12.30 26.98
C GLU D 44 2.76 13.53 26.53
N LYS D 45 3.15 14.13 25.41
CA LYS D 45 2.41 15.26 24.84
C LYS D 45 1.04 14.84 24.28
N ASN D 46 1.03 13.86 23.39
CA ASN D 46 -0.19 13.46 22.70
C ASN D 46 -0.96 12.32 23.39
N GLN D 47 -0.39 11.80 24.47
CA GLN D 47 -1.01 10.70 25.23
C GLN D 47 -1.23 9.44 24.39
N VAL D 48 -0.19 8.96 23.74
CA VAL D 48 -0.24 7.66 23.11
C VAL D 48 0.93 6.78 23.55
N VAL D 49 0.70 5.48 23.61
CA VAL D 49 1.78 4.53 23.85
C VAL D 49 1.90 3.61 22.64
N ASP D 50 3.11 3.18 22.34
CA ASP D 50 3.37 2.40 21.12
C ASP D 50 3.86 1.02 21.54
N VAL D 51 3.10 -0.03 21.20
CA VAL D 51 3.44 -1.35 21.72
C VAL D 51 3.61 -2.40 20.64
N VAL D 52 4.46 -3.38 20.93
CA VAL D 52 4.59 -4.58 20.11
C VAL D 52 4.07 -5.74 20.93
N PHE D 53 3.08 -6.47 20.42
CA PHE D 53 2.51 -7.57 21.20
C PHE D 53 2.15 -8.76 20.33
N TRP D 54 1.91 -9.90 20.98
CA TRP D 54 1.57 -11.12 20.28
C TRP D 54 0.16 -11.52 20.68
N LEU D 55 -0.71 -11.72 19.69
CA LEU D 55 -2.08 -12.14 19.97
C LEU D 55 -2.23 -13.61 19.72
N GLN D 56 -2.93 -14.29 20.63
CA GLN D 56 -3.36 -15.65 20.38
C GLN D 56 -4.87 -15.64 20.18
N MET D 57 -5.29 -16.08 19.01
CA MET D 57 -6.72 -16.21 18.71
C MET D 57 -6.94 -17.62 18.25
N SER D 58 -7.89 -18.31 18.88
CA SER D 58 -8.28 -19.64 18.42
C SER D 58 -9.78 -19.82 18.52
N TRP D 59 -10.32 -20.63 17.60
CA TRP D 59 -11.75 -20.83 17.49
C TRP D 59 -11.98 -22.03 16.59
N THR D 60 -13.24 -22.43 16.44
CA THR D 60 -13.57 -23.61 15.65
C THR D 60 -14.46 -23.19 14.50
N ASP D 61 -14.25 -23.80 13.34
CA ASP D 61 -15.02 -23.52 12.14
C ASP D 61 -15.39 -24.89 11.58
N HIS D 62 -16.63 -25.29 11.79
CA HIS D 62 -17.08 -26.64 11.43
C HIS D 62 -16.97 -26.88 9.93
N TYR D 63 -16.75 -25.81 9.16
CA TYR D 63 -16.56 -25.97 7.72
C TYR D 63 -15.14 -26.37 7.29
N LEU D 64 -14.22 -26.39 8.25
CA LEU D 64 -12.83 -26.77 7.96
C LEU D 64 -12.47 -28.11 8.59
N GLN D 65 -13.43 -29.00 8.73
CA GLN D 65 -13.10 -30.26 9.34
C GLN D 65 -12.92 -31.31 8.24
N TRP D 66 -12.19 -32.36 8.57
CA TRP D 66 -12.12 -33.47 7.65
C TRP D 66 -11.86 -34.74 8.44
N ASN D 67 -11.98 -35.88 7.77
CA ASN D 67 -11.61 -37.14 8.38
C ASN D 67 -10.21 -37.56 7.94
N VAL D 68 -9.31 -37.66 8.91
CA VAL D 68 -7.94 -38.06 8.63
C VAL D 68 -7.87 -39.39 7.86
N SER D 69 -8.89 -40.23 8.00
CA SER D 69 -8.95 -41.50 7.28
C SER D 69 -8.94 -41.33 5.77
N GLU D 70 -9.60 -40.28 5.28
CA GLU D 70 -9.65 -40.02 3.85
C GLU D 70 -8.48 -39.16 3.38
N TYR D 71 -7.72 -38.63 4.34
CA TYR D 71 -6.51 -37.85 4.04
C TYR D 71 -5.40 -38.28 4.98
N PRO D 72 -4.82 -39.45 4.70
CA PRO D 72 -4.01 -40.29 5.61
C PRO D 72 -2.93 -39.60 6.46
N GLY D 73 -2.13 -38.70 5.90
CA GLY D 73 -1.05 -38.11 6.67
C GLY D 73 -1.27 -36.67 7.11
N VAL D 74 -2.49 -36.16 6.92
CA VAL D 74 -2.77 -34.74 7.13
C VAL D 74 -3.49 -34.42 8.45
N LYS D 75 -2.73 -33.89 9.41
CA LYS D 75 -3.29 -33.59 10.72
C LYS D 75 -3.67 -32.11 10.81
N GLN D 76 -2.91 -31.26 10.10
CA GLN D 76 -3.11 -29.82 10.15
C GLN D 76 -2.56 -29.14 8.90
N VAL D 77 -3.10 -27.97 8.55
CA VAL D 77 -2.61 -27.27 7.37
C VAL D 77 -2.49 -25.78 7.60
N SER D 78 -1.65 -25.14 6.77
CA SER D 78 -1.35 -23.71 6.84
C SER D 78 -2.12 -22.96 5.78
N VAL D 79 -3.04 -22.11 6.23
CA VAL D 79 -3.98 -21.43 5.36
C VAL D 79 -3.84 -19.93 5.53
N PRO D 80 -3.77 -19.18 4.42
CA PRO D 80 -3.71 -17.70 4.54
C PRO D 80 -4.99 -17.16 5.16
N ILE D 81 -4.89 -16.27 6.13
CA ILE D 81 -6.08 -15.75 6.80
C ILE D 81 -7.05 -15.08 5.83
N SER D 82 -6.53 -14.53 4.75
CA SER D 82 -7.37 -13.87 3.75
C SER D 82 -8.37 -14.84 3.15
N SER D 83 -8.08 -16.13 3.26
CA SER D 83 -8.93 -17.19 2.74
C SER D 83 -9.99 -17.69 3.74
N LEU D 84 -9.85 -17.29 5.00
CA LEU D 84 -10.67 -17.79 6.09
C LEU D 84 -11.60 -16.76 6.70
N TRP D 85 -12.70 -17.23 7.30
CA TRP D 85 -13.42 -16.35 8.19
C TRP D 85 -12.52 -16.15 9.39
N VAL D 86 -12.35 -14.90 9.82
N VAL D 86 -12.36 -14.91 9.84
CA VAL D 86 -11.57 -14.59 11.01
CA VAL D 86 -11.53 -14.56 10.98
C VAL D 86 -12.40 -13.67 11.90
C VAL D 86 -12.32 -13.59 11.88
N PRO D 87 -12.21 -13.73 13.22
CA PRO D 87 -12.95 -12.82 14.09
C PRO D 87 -12.53 -11.37 13.84
N ASP D 88 -13.53 -10.49 13.71
CA ASP D 88 -13.31 -9.07 13.50
C ASP D 88 -12.94 -8.39 14.80
N LEU D 89 -11.90 -8.87 15.46
CA LEU D 89 -11.49 -8.25 16.71
C LEU D 89 -10.84 -6.90 16.42
N ALA D 90 -11.31 -5.89 17.15
CA ALA D 90 -10.83 -4.53 16.97
C ALA D 90 -10.21 -4.02 18.26
N ALA D 91 -9.28 -3.08 18.12
CA ALA D 91 -8.72 -2.39 19.27
C ALA D 91 -9.49 -1.08 19.51
N TYR D 92 -10.32 -1.05 20.55
CA TYR D 92 -11.22 0.09 20.82
C TYR D 92 -10.50 1.44 20.92
N ASN D 93 -9.38 1.46 21.62
CA ASN D 93 -8.65 2.71 21.80
C ASN D 93 -7.37 2.78 20.94
N ALA D 94 -7.39 2.14 19.78
CA ALA D 94 -6.28 2.28 18.86
C ALA D 94 -6.36 3.60 18.11
N ILE D 95 -5.24 4.31 18.01
CA ILE D 95 -5.18 5.52 17.21
C ILE D 95 -4.41 5.30 15.90
N SER D 96 -3.96 4.07 15.65
CA SER D 96 -3.33 3.74 14.36
C SER D 96 -3.71 2.33 13.89
N LYS D 97 -3.60 2.10 12.57
CA LYS D 97 -3.80 0.77 12.02
C LYS D 97 -2.75 -0.16 12.63
N PRO D 98 -3.08 -1.44 12.80
CA PRO D 98 -2.07 -2.35 13.36
C PRO D 98 -1.07 -2.77 12.29
N GLU D 99 0.22 -2.79 12.62
CA GLU D 99 1.24 -3.31 11.72
C GLU D 99 1.50 -4.78 12.04
N VAL D 100 0.95 -5.67 11.22
CA VAL D 100 1.19 -7.09 11.39
C VAL D 100 2.62 -7.49 10.98
N LEU D 101 3.37 -8.03 11.93
CA LEU D 101 4.80 -8.26 11.76
C LEU D 101 5.18 -9.65 11.25
N THR D 102 4.20 -10.55 11.18
CA THR D 102 4.45 -11.98 10.94
C THR D 102 3.58 -12.46 9.78
N PRO D 103 3.88 -13.66 9.22
CA PRO D 103 3.13 -14.11 8.05
C PRO D 103 1.67 -14.27 8.37
N GLN D 104 0.81 -13.89 7.44
CA GLN D 104 -0.63 -13.87 7.71
C GLN D 104 -1.26 -15.24 7.47
N LEU D 105 -0.83 -16.19 8.29
CA LEU D 105 -1.21 -17.57 8.12
C LEU D 105 -1.83 -18.09 9.41
N ALA D 106 -2.83 -18.94 9.27
CA ALA D 106 -3.42 -19.62 10.41
C ALA D 106 -3.21 -21.14 10.32
N LEU D 107 -2.97 -21.80 11.46
CA LEU D 107 -2.95 -23.27 11.51
C LEU D 107 -4.34 -23.82 11.74
N VAL D 108 -4.75 -24.78 10.93
CA VAL D 108 -6.05 -25.38 11.13
C VAL D 108 -5.91 -26.88 11.25
N ASN D 109 -6.41 -27.48 12.33
CA ASN D 109 -6.37 -28.94 12.44
C ASN D 109 -7.61 -29.59 11.84
N SER D 110 -7.68 -30.91 11.93
CA SER D 110 -8.71 -31.70 11.26
C SER D 110 -10.10 -31.60 11.89
N SER D 111 -10.16 -31.19 13.16
CA SER D 111 -11.46 -31.06 13.82
C SER D 111 -12.04 -29.66 13.62
N GLY D 112 -11.35 -28.86 12.80
CA GLY D 112 -11.79 -27.53 12.43
C GLY D 112 -11.30 -26.46 13.36
N HIS D 113 -10.39 -26.79 14.27
CA HIS D 113 -9.86 -25.78 15.17
C HIS D 113 -8.81 -24.91 14.45
N VAL D 114 -9.00 -23.60 14.54
CA VAL D 114 -8.14 -22.64 13.86
C VAL D 114 -7.29 -21.86 14.87
N GLN D 115 -5.99 -21.78 14.59
CA GLN D 115 -5.05 -21.04 15.44
C GLN D 115 -4.47 -19.92 14.62
N TYR D 116 -4.48 -18.71 15.17
CA TYR D 116 -3.93 -17.53 14.50
C TYR D 116 -3.17 -16.68 15.51
N LEU D 117 -1.87 -16.48 15.26
CA LEU D 117 -0.93 -15.99 16.28
C LEU D 117 -0.10 -14.81 15.81
N PRO D 118 -0.75 -13.70 15.45
CA PRO D 118 0.03 -12.63 14.80
C PRO D 118 0.85 -11.79 15.76
N SER D 119 2.01 -11.33 15.29
CA SER D 119 2.78 -10.35 16.02
C SER D 119 2.41 -8.96 15.49
N ILE D 120 2.18 -8.02 16.38
CA ILE D 120 1.57 -6.77 15.99
C ILE D 120 2.22 -5.58 16.65
N ARG D 121 2.42 -4.52 15.87
CA ARG D 121 2.80 -3.24 16.41
C ARG D 121 1.62 -2.27 16.25
N GLN D 122 1.24 -1.60 17.32
CA GLN D 122 0.10 -0.71 17.26
C GLN D 122 0.24 0.42 18.29
N ARG D 123 -0.29 1.59 17.93
CA ARG D 123 -0.34 2.75 18.84
C ARG D 123 -1.72 2.95 19.50
N PHE D 124 -1.74 3.11 20.82
CA PHE D 124 -2.99 3.29 21.55
C PHE D 124 -3.08 4.62 22.30
N SER D 125 -4.31 5.11 22.45
CA SER D 125 -4.60 6.27 23.29
C SER D 125 -4.45 5.88 24.73
N CYS D 126 -3.79 6.70 25.53
CA CYS D 126 -3.54 6.37 26.93
C CYS D 126 -2.93 7.52 27.74
N ASP D 127 -3.35 7.66 29.00
CA ASP D 127 -2.79 8.65 29.91
C ASP D 127 -1.44 8.20 30.47
N VAL D 128 -0.35 8.56 29.80
CA VAL D 128 0.98 8.12 30.21
C VAL D 128 1.69 9.14 31.09
N SER D 129 0.93 10.08 31.62
CA SER D 129 1.50 11.18 32.40
C SER D 129 2.18 10.72 33.70
N GLY D 130 2.03 9.45 34.05
CA GLY D 130 2.65 8.92 35.25
C GLY D 130 3.80 7.96 34.99
N VAL D 131 4.39 8.03 33.81
CA VAL D 131 5.42 7.07 33.41
C VAL D 131 6.74 7.29 34.15
N ASP D 132 6.87 8.46 34.77
CA ASP D 132 8.08 8.79 35.50
C ASP D 132 8.00 8.49 37.01
N THR D 133 6.84 8.01 37.46
CA THR D 133 6.64 7.85 38.90
C THR D 133 6.81 6.41 39.37
N GLU D 134 6.87 6.23 40.69
CA GLU D 134 6.94 4.92 41.31
C GLU D 134 5.66 4.17 41.03
N SER D 135 4.55 4.91 41.04
CA SER D 135 3.23 4.32 40.80
C SER D 135 3.08 3.90 39.36
N GLY D 136 3.88 4.51 38.48
CA GLY D 136 3.93 4.13 37.09
C GLY D 136 2.78 4.68 36.27
N ALA D 137 2.69 4.25 35.02
CA ALA D 137 1.59 4.63 34.14
C ALA D 137 0.75 3.40 33.77
N THR D 138 -0.55 3.58 33.64
CA THR D 138 -1.46 2.46 33.42
C THR D 138 -2.24 2.60 32.11
N CYS D 139 -2.10 1.61 31.22
CA CYS D 139 -2.80 1.63 29.93
C CYS D 139 -3.80 0.48 29.80
N LYS D 140 -4.89 0.74 29.10
CA LYS D 140 -5.96 -0.24 28.94
C LYS D 140 -6.08 -0.57 27.47
N LEU D 141 -5.68 -1.79 27.10
CA LEU D 141 -5.84 -2.24 25.73
C LEU D 141 -7.15 -2.98 25.64
N LYS D 142 -8.13 -2.35 25.01
CA LYS D 142 -9.47 -2.90 24.99
C LYS D 142 -9.80 -3.52 23.64
N PHE D 143 -10.13 -4.81 23.62
CA PHE D 143 -10.44 -5.50 22.38
C PHE D 143 -11.81 -6.18 22.46
N GLY D 144 -12.52 -6.18 21.34
CA GLY D 144 -13.81 -6.85 21.21
C GLY D 144 -14.26 -6.94 19.77
N SER D 145 -15.20 -7.84 19.47
CA SER D 145 -15.73 -7.94 18.12
C SER D 145 -16.38 -6.61 17.73
N TRP D 146 -16.17 -6.18 16.50
CA TRP D 146 -16.73 -4.90 16.07
C TRP D 146 -18.20 -5.03 15.65
N THR D 147 -18.63 -6.21 15.20
CA THR D 147 -20.00 -6.34 14.70
C THR D 147 -20.82 -7.54 15.17
N HIS D 148 -20.24 -8.38 16.01
CA HIS D 148 -20.96 -9.58 16.49
C HIS D 148 -21.18 -9.56 17.99
N HIS D 149 -22.44 -9.73 18.41
CA HIS D 149 -22.74 -9.75 19.83
C HIS D 149 -22.45 -11.14 20.46
N SER D 150 -22.64 -11.25 21.77
CA SER D 150 -22.30 -12.44 22.54
C SER D 150 -22.89 -13.72 21.98
N ARG D 151 -24.14 -13.68 21.55
CA ARG D 151 -24.78 -14.89 21.03
C ARG D 151 -24.32 -15.34 19.63
N GLU D 152 -23.32 -14.66 19.07
CA GLU D 152 -22.80 -15.08 17.79
C GLU D 152 -21.32 -15.43 17.96
N LEU D 153 -20.63 -14.62 18.75
CA LEU D 153 -19.19 -14.73 18.93
C LEU D 153 -18.92 -14.59 20.41
N ASP D 154 -18.50 -15.69 21.02
CA ASP D 154 -18.31 -15.74 22.45
C ASP D 154 -16.85 -15.54 22.76
N LEU D 155 -16.49 -14.31 23.11
CA LEU D 155 -15.11 -13.96 23.39
C LEU D 155 -14.74 -14.49 24.75
N GLN D 156 -13.66 -15.27 24.82
CA GLN D 156 -13.15 -15.74 26.10
C GLN D 156 -11.67 -15.44 26.28
N MET D 157 -11.28 -15.16 27.52
CA MET D 157 -9.87 -14.99 27.87
C MET D 157 -9.17 -16.33 27.97
N GLN D 158 -7.88 -16.35 27.60
CA GLN D 158 -6.98 -17.43 28.00
C GLN D 158 -6.00 -16.78 28.96
N GLU D 159 -5.23 -17.58 29.69
CA GLU D 159 -4.19 -17.02 30.56
C GLU D 159 -3.08 -16.37 29.74
N ALA D 160 -2.69 -15.16 30.17
CA ALA D 160 -1.75 -14.34 29.41
C ALA D 160 -0.30 -14.76 29.59
N ASP D 161 0.59 -13.89 29.12
CA ASP D 161 2.04 -14.08 29.33
C ASP D 161 2.74 -12.74 29.47
N ILE D 162 3.80 -12.74 30.29
CA ILE D 162 4.60 -11.56 30.56
C ILE D 162 6.06 -11.91 30.29
N SER D 163 6.34 -13.22 30.27
CA SER D 163 7.70 -13.72 30.10
C SER D 163 8.30 -13.33 28.75
N GLY D 164 7.44 -12.98 27.80
CA GLY D 164 7.88 -12.57 26.49
C GLY D 164 8.38 -11.13 26.45
N TYR D 165 8.19 -10.40 27.55
CA TYR D 165 8.63 -9.01 27.59
C TYR D 165 10.16 -8.97 27.54
N ILE D 166 10.72 -7.97 26.86
CA ILE D 166 12.17 -7.89 26.72
C ILE D 166 12.84 -7.20 27.92
N PRO D 167 13.90 -7.81 28.44
CA PRO D 167 14.48 -7.36 29.71
C PRO D 167 15.34 -6.11 29.58
N TYR D 168 15.69 -5.72 28.35
CA TYR D 168 16.57 -4.59 28.15
C TYR D 168 15.79 -3.38 27.63
N SER D 169 14.47 -3.51 27.65
CA SER D 169 13.59 -2.39 27.32
C SER D 169 13.91 -1.25 28.26
N ARG D 170 13.72 -0.01 27.81
CA ARG D 170 13.98 1.11 28.71
C ARG D 170 12.86 1.25 29.74
N PHE D 171 11.76 0.53 29.50
CA PHE D 171 10.62 0.56 30.42
C PHE D 171 10.50 -0.70 31.26
N GLU D 172 10.34 -0.52 32.57
CA GLU D 172 10.11 -1.66 33.47
C GLU D 172 8.64 -2.02 33.50
N LEU D 173 8.32 -3.21 33.00
CA LEU D 173 6.96 -3.72 33.08
C LEU D 173 6.67 -4.09 34.52
N VAL D 174 5.55 -3.60 35.05
CA VAL D 174 5.21 -3.82 36.46
C VAL D 174 4.13 -4.89 36.64
N GLY D 175 3.07 -4.82 35.83
CA GLY D 175 2.00 -5.80 35.89
C GLY D 175 1.07 -5.75 34.71
N VAL D 176 0.43 -6.88 34.43
CA VAL D 176 -0.60 -6.95 33.40
C VAL D 176 -1.79 -7.74 33.93
N THR D 177 -2.98 -7.14 33.89
CA THR D 177 -4.20 -7.85 34.29
C THR D 177 -5.15 -8.11 33.11
N GLN D 178 -6.01 -9.09 33.27
CA GLN D 178 -6.98 -9.45 32.25
C GLN D 178 -8.39 -9.39 32.81
N LYS D 179 -9.32 -8.81 32.06
CA LYS D 179 -10.72 -8.73 32.48
C LYS D 179 -11.66 -8.87 31.28
N ARG D 180 -12.61 -9.79 31.39
CA ARG D 180 -13.63 -9.95 30.34
C ARG D 180 -14.95 -9.39 30.79
N SER D 181 -15.47 -8.43 30.05
CA SER D 181 -16.73 -7.77 30.42
C SER D 181 -17.84 -8.05 29.42
N GLU D 182 -19.04 -7.61 29.75
CA GLU D 182 -20.16 -7.62 28.82
C GLU D 182 -20.79 -6.23 28.86
N ARG D 183 -20.69 -5.49 27.77
CA ARG D 183 -21.37 -4.20 27.71
C ARG D 183 -22.66 -4.34 26.93
N PHE D 184 -23.68 -3.59 27.34
CA PHE D 184 -24.83 -3.34 26.47
C PHE D 184 -24.67 -1.96 25.85
N TYR D 185 -25.03 -1.83 24.58
CA TYR D 185 -24.82 -0.55 23.90
C TYR D 185 -26.13 0.11 23.49
N GLU D 186 -27.14 -0.01 24.35
CA GLU D 186 -28.43 0.70 24.21
C GLU D 186 -29.10 0.68 22.82
N CYS D 187 -28.30 0.70 21.76
CA CYS D 187 -28.81 0.46 20.42
C CYS D 187 -29.33 -0.97 20.29
N CYS D 188 -28.69 -1.90 21.01
CA CYS D 188 -28.85 -3.33 20.73
C CYS D 188 -29.32 -4.16 21.92
N LYS D 189 -30.28 -5.06 21.69
CA LYS D 189 -30.79 -5.94 22.73
C LYS D 189 -29.69 -6.80 23.35
N GLU D 190 -28.84 -7.33 22.48
CA GLU D 190 -27.80 -8.29 22.86
C GLU D 190 -26.51 -7.59 23.26
N PRO D 191 -25.87 -8.09 24.34
CA PRO D 191 -24.64 -7.49 24.88
C PRO D 191 -23.43 -7.75 23.98
N TYR D 192 -22.38 -6.96 24.16
CA TYR D 192 -21.14 -7.10 23.39
C TYR D 192 -19.95 -7.27 24.33
N PRO D 193 -19.33 -8.45 24.32
CA PRO D 193 -18.21 -8.78 25.19
C PRO D 193 -16.92 -8.16 24.68
N ASP D 194 -16.06 -7.76 25.61
CA ASP D 194 -14.72 -7.30 25.24
C ASP D 194 -13.71 -7.89 26.22
N VAL D 195 -12.46 -7.98 25.80
CA VAL D 195 -11.39 -8.34 26.71
C VAL D 195 -10.44 -7.16 26.83
N THR D 196 -10.11 -6.78 28.05
CA THR D 196 -9.26 -5.64 28.30
C THR D 196 -8.01 -6.08 29.06
N PHE D 197 -6.87 -5.64 28.58
CA PHE D 197 -5.59 -5.95 29.21
C PHE D 197 -5.01 -4.68 29.80
N THR D 198 -4.93 -4.65 31.11
CA THR D 198 -4.43 -3.48 31.82
C THR D 198 -2.97 -3.69 32.11
N VAL D 199 -2.14 -2.76 31.67
CA VAL D 199 -0.70 -2.90 31.87
C VAL D 199 -0.13 -1.66 32.53
N THR D 200 0.67 -1.88 33.56
CA THR D 200 1.28 -0.79 34.31
C THR D 200 2.80 -0.83 34.15
N PHE D 201 3.40 0.32 33.87
CA PHE D 201 4.82 0.39 33.58
C PHE D 201 5.45 1.71 34.01
N ARG D 202 6.77 1.81 33.92
CA ARG D 202 7.47 3.05 34.27
C ARG D 202 8.87 3.10 33.64
N LYS D 203 9.43 4.30 33.51
CA LYS D 203 10.80 4.43 33.04
C LYS D 203 11.73 3.73 34.03
N LYS D 204 12.87 3.24 33.58
CA LYS D 204 13.78 2.53 34.47
C LYS D 204 14.78 3.46 35.16
N GLY D 205 15.21 3.06 36.36
CA GLY D 205 16.17 3.84 37.12
C GLY D 205 16.77 3.03 38.26
N GLY E 1 -23.68 -20.29 10.16
CA GLY E 1 -25.06 -20.77 10.14
C GLY E 1 -25.53 -21.00 8.72
N GLU E 2 -26.24 -22.11 8.52
CA GLU E 2 -26.71 -22.53 7.20
C GLU E 2 -27.62 -21.51 6.55
N PHE E 3 -28.43 -20.82 7.35
CA PHE E 3 -29.33 -19.85 6.75
C PHE E 3 -28.57 -18.60 6.31
N GLN E 4 -27.54 -18.21 7.06
CA GLN E 4 -26.71 -17.10 6.61
C GLN E 4 -26.02 -17.45 5.28
N ARG E 5 -25.66 -18.71 5.07
CA ARG E 5 -25.02 -19.08 3.79
C ARG E 5 -26.01 -19.06 2.65
N LYS E 6 -27.24 -19.52 2.90
CA LYS E 6 -28.29 -19.47 1.90
C LYS E 6 -28.55 -18.01 1.51
N LEU E 7 -28.61 -17.14 2.52
CA LEU E 7 -28.95 -15.75 2.29
C LEU E 7 -27.88 -15.07 1.44
N TYR E 8 -26.62 -15.37 1.73
CA TYR E 8 -25.51 -14.87 0.93
C TYR E 8 -25.71 -15.20 -0.55
N LYS E 9 -25.94 -16.48 -0.86
CA LYS E 9 -26.13 -16.89 -2.24
C LYS E 9 -27.24 -16.10 -2.91
N GLU E 10 -28.28 -15.77 -2.16
CA GLU E 10 -29.38 -15.04 -2.76
C GLU E 10 -29.07 -13.55 -3.02
N LEU E 11 -28.48 -12.87 -2.05
CA LEU E 11 -28.25 -11.42 -2.12
C LEU E 11 -27.16 -11.06 -3.10
N VAL E 12 -26.21 -11.98 -3.23
CA VAL E 12 -25.02 -11.74 -4.00
C VAL E 12 -25.32 -11.70 -5.48
N LYS E 13 -26.33 -12.45 -5.93
CA LYS E 13 -26.59 -12.52 -7.35
C LYS E 13 -27.20 -11.23 -7.90
N ASN E 14 -26.69 -10.82 -9.06
CA ASN E 14 -27.01 -9.54 -9.69
C ASN E 14 -26.70 -8.30 -8.86
N TYR E 15 -26.17 -8.46 -7.64
CA TYR E 15 -25.82 -7.30 -6.86
C TYR E 15 -24.62 -6.62 -7.50
N ASN E 16 -24.72 -5.31 -7.64
CA ASN E 16 -23.69 -4.46 -8.25
C ASN E 16 -23.37 -3.31 -7.30
N PRO E 17 -22.20 -3.36 -6.65
CA PRO E 17 -21.84 -2.37 -5.64
C PRO E 17 -21.38 -1.03 -6.25
N ASP E 18 -21.42 -0.86 -7.56
CA ASP E 18 -21.08 0.44 -8.14
C ASP E 18 -22.32 1.27 -8.43
N VAL E 19 -23.51 0.69 -8.25
CA VAL E 19 -24.76 1.39 -8.55
C VAL E 19 -25.49 1.88 -7.30
N ILE E 20 -25.64 3.20 -7.19
CA ILE E 20 -26.34 3.76 -6.05
C ILE E 20 -27.76 3.20 -6.05
N PRO E 21 -28.21 2.68 -4.92
CA PRO E 21 -29.51 1.98 -4.90
C PRO E 21 -30.72 2.90 -4.77
N THR E 22 -30.81 3.93 -5.63
CA THR E 22 -31.99 4.78 -5.64
C THR E 22 -33.18 3.98 -6.08
N GLN E 23 -34.37 4.45 -5.73
CA GLN E 23 -35.59 3.72 -6.02
C GLN E 23 -36.67 4.62 -6.59
N ARG E 24 -36.54 4.97 -7.87
CA ARG E 24 -37.53 5.79 -8.59
C ARG E 24 -37.81 7.14 -7.91
N ASP E 25 -37.30 8.22 -8.49
CA ASP E 25 -37.39 9.56 -7.90
C ASP E 25 -36.68 9.65 -6.55
N ARG E 26 -37.06 8.77 -5.63
CA ARG E 26 -36.57 8.76 -4.26
C ARG E 26 -35.06 8.67 -4.20
N PRO E 27 -34.42 9.67 -3.58
CA PRO E 27 -32.98 9.58 -3.30
C PRO E 27 -32.70 8.52 -2.24
N VAL E 28 -31.48 8.01 -2.19
CA VAL E 28 -31.08 7.21 -1.05
C VAL E 28 -30.80 8.17 0.08
N THR E 29 -31.52 8.10 1.19
CA THR E 29 -31.16 8.98 2.27
C THR E 29 -30.07 8.42 3.17
N VAL E 30 -29.12 9.26 3.55
CA VAL E 30 -27.96 8.83 4.31
C VAL E 30 -27.85 9.64 5.58
N TYR E 31 -27.90 8.95 6.70
CA TYR E 31 -27.76 9.61 7.99
C TYR E 31 -26.30 9.55 8.36
N PHE E 32 -25.84 10.64 8.94
CA PHE E 32 -24.43 10.82 9.16
C PHE E 32 -24.24 11.57 10.46
N SER E 33 -23.26 11.16 11.23
CA SER E 33 -22.87 11.91 12.40
C SER E 33 -21.42 11.65 12.72
N LEU E 34 -20.78 12.59 13.41
CA LEU E 34 -19.37 12.45 13.72
C LEU E 34 -19.22 12.68 15.20
N SER E 35 -18.42 11.86 15.87
CA SER E 35 -18.11 12.07 17.28
C SER E 35 -16.61 12.11 17.47
N LEU E 36 -16.15 13.17 18.09
CA LEU E 36 -14.74 13.45 18.20
C LEU E 36 -14.14 12.59 19.31
N LEU E 37 -13.07 11.85 19.03
CA LEU E 37 -12.46 11.02 20.08
C LEU E 37 -11.22 11.66 20.68
N GLN E 38 -10.36 12.20 19.84
CA GLN E 38 -9.19 12.90 20.34
C GLN E 38 -8.64 13.83 19.29
N ILE E 39 -8.14 14.98 19.73
CA ILE E 39 -7.31 15.80 18.87
C ILE E 39 -5.87 15.41 19.16
N MET E 40 -5.21 14.87 18.13
CA MET E 40 -3.89 14.25 18.27
C MET E 40 -2.77 15.26 18.17
N ASP E 41 -3.02 16.33 17.43
CA ASP E 41 -1.98 17.30 17.18
C ASP E 41 -2.52 18.52 16.49
N VAL E 42 -1.78 19.60 16.67
CA VAL E 42 -2.06 20.85 16.00
C VAL E 42 -0.75 21.35 15.42
N ASP E 43 -0.74 21.62 14.12
CA ASP E 43 0.45 22.17 13.47
C ASP E 43 0.25 23.66 13.22
N GLU E 44 0.79 24.47 14.12
CA GLU E 44 0.52 25.89 14.08
C GLU E 44 1.21 26.61 12.89
N LYS E 45 2.30 26.04 12.39
CA LYS E 45 2.98 26.64 11.24
C LYS E 45 2.20 26.36 9.95
N ASN E 46 1.79 25.10 9.74
CA ASN E 46 1.15 24.72 8.49
C ASN E 46 -0.37 24.73 8.53
N GLN E 47 -0.90 25.09 9.70
CA GLN E 47 -2.34 25.22 9.87
C GLN E 47 -3.03 23.90 9.55
N VAL E 48 -2.70 22.86 10.29
CA VAL E 48 -3.48 21.64 10.19
C VAL E 48 -3.79 21.04 11.56
N VAL E 49 -4.92 20.35 11.63
CA VAL E 49 -5.28 19.68 12.86
C VAL E 49 -5.38 18.19 12.56
N ASP E 50 -4.92 17.39 13.51
CA ASP E 50 -4.84 15.94 13.38
C ASP E 50 -5.85 15.34 14.36
N VAL E 51 -6.88 14.68 13.82
CA VAL E 51 -7.96 14.17 14.67
C VAL E 51 -8.33 12.70 14.49
N VAL E 52 -8.77 12.08 15.58
CA VAL E 52 -9.35 10.75 15.51
C VAL E 52 -10.84 10.86 15.81
N PHE E 53 -11.68 10.34 14.92
CA PHE E 53 -13.12 10.45 15.13
C PHE E 53 -13.90 9.20 14.72
N TRP E 54 -15.15 9.15 15.17
CA TRP E 54 -16.01 8.01 14.93
C TRP E 54 -17.20 8.45 14.13
N LEU E 55 -17.30 7.96 12.91
CA LEU E 55 -18.47 8.26 12.09
C LEU E 55 -19.56 7.24 12.23
N GLN E 56 -20.79 7.71 12.16
CA GLN E 56 -21.91 6.83 12.00
C GLN E 56 -22.60 7.16 10.70
N MET E 57 -22.71 6.15 9.85
CA MET E 57 -23.44 6.29 8.61
C MET E 57 -24.52 5.22 8.55
N SER E 58 -25.67 5.57 7.99
CA SER E 58 -26.75 4.60 7.86
C SER E 58 -27.51 4.95 6.61
N TRP E 59 -27.97 3.93 5.90
CA TRP E 59 -28.82 4.13 4.75
C TRP E 59 -29.52 2.83 4.42
N THR E 60 -30.54 2.93 3.60
CA THR E 60 -31.26 1.77 3.16
C THR E 60 -30.88 1.32 1.75
N ASP E 61 -30.54 0.04 1.62
CA ASP E 61 -30.30 -0.54 0.33
C ASP E 61 -31.39 -1.56 0.07
N HIS E 62 -32.32 -1.23 -0.81
CA HIS E 62 -33.46 -2.11 -1.04
C HIS E 62 -33.19 -3.46 -1.76
N TYR E 63 -31.95 -3.69 -2.21
CA TYR E 63 -31.58 -4.99 -2.79
C TYR E 63 -31.00 -5.90 -1.73
N LEU E 64 -30.85 -5.38 -0.52
CA LEU E 64 -30.34 -6.17 0.59
C LEU E 64 -31.43 -6.56 1.57
N GLN E 65 -32.66 -6.70 1.11
CA GLN E 65 -33.71 -7.03 2.06
C GLN E 65 -34.15 -8.49 1.94
N TRP E 66 -34.61 -9.09 3.04
CA TRP E 66 -35.10 -10.45 2.96
C TRP E 66 -36.28 -10.71 3.87
N ASN E 67 -37.01 -11.75 3.52
CA ASN E 67 -38.10 -12.27 4.32
C ASN E 67 -37.50 -13.12 5.43
N VAL E 68 -37.63 -12.64 6.66
CA VAL E 68 -37.08 -13.34 7.82
C VAL E 68 -37.73 -14.71 8.08
N SER E 69 -38.97 -14.89 7.63
CA SER E 69 -39.62 -16.21 7.67
C SER E 69 -38.84 -17.22 6.82
N GLU E 70 -38.13 -16.73 5.81
CA GLU E 70 -37.39 -17.60 4.90
C GLU E 70 -35.99 -17.87 5.42
N TYR E 71 -35.56 -17.13 6.44
CA TYR E 71 -34.22 -17.35 6.98
C TYR E 71 -34.28 -17.22 8.49
N PRO E 72 -34.90 -18.20 9.14
CA PRO E 72 -35.23 -18.20 10.57
C PRO E 72 -34.03 -17.81 11.42
N GLY E 73 -34.26 -16.85 12.30
CA GLY E 73 -33.23 -16.43 13.20
C GLY E 73 -32.19 -15.49 12.62
N VAL E 74 -32.22 -15.25 11.31
CA VAL E 74 -31.22 -14.37 10.71
C VAL E 74 -31.74 -12.91 10.63
N LYS E 75 -31.37 -12.12 11.63
CA LYS E 75 -31.89 -10.76 11.77
C LYS E 75 -30.94 -9.69 11.23
N GLN E 76 -29.64 -9.92 11.32
CA GLN E 76 -28.66 -9.05 10.70
C GLN E 76 -27.47 -9.87 10.25
N VAL E 77 -26.69 -9.34 9.31
CA VAL E 77 -25.43 -9.99 8.93
C VAL E 77 -24.32 -8.96 8.81
N SER E 78 -23.08 -9.39 9.04
CA SER E 78 -21.92 -8.53 8.83
C SER E 78 -21.40 -8.70 7.41
N VAL E 79 -21.21 -7.60 6.71
CA VAL E 79 -20.82 -7.60 5.30
C VAL E 79 -19.59 -6.71 5.09
N PRO E 80 -18.53 -7.25 4.46
CA PRO E 80 -17.39 -6.36 4.20
C PRO E 80 -17.84 -5.20 3.32
N ILE E 81 -17.40 -3.99 3.64
CA ILE E 81 -17.83 -2.84 2.83
C ILE E 81 -17.38 -2.91 1.38
N SER E 82 -16.30 -3.62 1.08
CA SER E 82 -15.85 -3.73 -0.31
C SER E 82 -16.89 -4.42 -1.20
N SER E 83 -17.86 -5.09 -0.59
CA SER E 83 -18.87 -5.81 -1.36
C SER E 83 -20.14 -5.00 -1.53
N LEU E 84 -20.20 -3.87 -0.85
CA LEU E 84 -21.43 -3.07 -0.82
C LEU E 84 -21.31 -1.77 -1.60
N TRP E 85 -22.46 -1.20 -1.96
CA TRP E 85 -22.46 0.22 -2.31
C TRP E 85 -22.32 0.97 -1.00
N VAL E 86 -21.38 1.92 -0.95
CA VAL E 86 -21.29 2.80 0.20
C VAL E 86 -21.34 4.26 -0.27
N PRO E 87 -21.90 5.15 0.55
CA PRO E 87 -21.91 6.56 0.15
C PRO E 87 -20.48 7.07 -0.10
N ASP E 88 -20.30 7.87 -1.14
CA ASP E 88 -18.97 8.34 -1.48
C ASP E 88 -18.72 9.65 -0.72
N LEU E 89 -18.89 9.61 0.60
CA LEU E 89 -18.69 10.80 1.43
C LEU E 89 -17.22 11.21 1.48
N ALA E 90 -16.96 12.49 1.32
CA ALA E 90 -15.59 12.99 1.40
C ALA E 90 -15.49 14.15 2.36
N ALA E 91 -14.31 14.26 2.95
CA ALA E 91 -13.93 15.44 3.72
C ALA E 91 -13.44 16.52 2.76
N TYR E 92 -14.22 17.58 2.60
CA TYR E 92 -13.89 18.67 1.66
C TYR E 92 -12.55 19.39 1.95
N ASN E 93 -12.14 19.42 3.21
CA ASN E 93 -10.91 20.12 3.58
C ASN E 93 -9.90 19.20 4.29
N ALA E 94 -9.97 17.91 3.97
CA ALA E 94 -8.93 17.00 4.43
C ALA E 94 -7.64 17.33 3.69
N ILE E 95 -6.50 17.20 4.36
CA ILE E 95 -5.22 17.32 3.66
C ILE E 95 -4.45 16.01 3.68
N SER E 96 -5.05 14.96 4.23
CA SER E 96 -4.51 13.61 4.15
C SER E 96 -5.62 12.61 3.84
N LYS E 97 -5.24 11.43 3.35
CA LYS E 97 -6.19 10.34 3.16
C LYS E 97 -6.74 9.90 4.50
N PRO E 98 -7.99 9.44 4.54
CA PRO E 98 -8.47 8.96 5.86
C PRO E 98 -7.85 7.63 6.20
N GLU E 99 -7.20 7.52 7.34
CA GLU E 99 -6.77 6.22 7.87
C GLU E 99 -7.90 5.58 8.72
N VAL E 100 -8.45 4.45 8.24
CA VAL E 100 -9.52 3.73 8.94
C VAL E 100 -8.97 2.77 10.00
N LEU E 101 -9.48 2.87 11.22
CA LEU E 101 -8.83 2.21 12.35
C LEU E 101 -9.54 0.91 12.79
N THR E 102 -10.71 0.66 12.20
CA THR E 102 -11.58 -0.43 12.62
C THR E 102 -11.89 -1.36 11.46
N PRO E 103 -12.46 -2.55 11.74
CA PRO E 103 -12.74 -3.46 10.63
C PRO E 103 -13.72 -2.86 9.61
N GLN E 104 -13.43 -3.06 8.34
CA GLN E 104 -14.23 -2.44 7.30
C GLN E 104 -15.46 -3.29 7.00
N LEU E 105 -16.36 -3.28 7.97
CA LEU E 105 -17.52 -4.16 7.96
C LEU E 105 -18.74 -3.29 8.27
N ALA E 106 -19.83 -3.57 7.57
CA ALA E 106 -21.10 -2.93 7.81
C ALA E 106 -22.10 -3.96 8.35
N LEU E 107 -22.95 -3.54 9.30
CA LEU E 107 -24.11 -4.33 9.77
C LEU E 107 -25.31 -4.11 8.83
N VAL E 108 -25.97 -5.18 8.43
CA VAL E 108 -27.08 -5.07 7.49
C VAL E 108 -28.29 -5.82 8.04
N ASN E 109 -29.47 -5.20 8.12
CA ASN E 109 -30.61 -5.97 8.61
C ASN E 109 -31.57 -6.35 7.51
N SER E 110 -32.64 -7.04 7.87
CA SER E 110 -33.56 -7.62 6.92
C SER E 110 -34.38 -6.59 6.16
N SER E 111 -34.45 -5.35 6.66
CA SER E 111 -35.09 -4.25 5.94
C SER E 111 -34.17 -3.66 4.89
N GLY E 112 -32.92 -4.08 4.89
CA GLY E 112 -31.94 -3.50 3.99
C GLY E 112 -31.30 -2.28 4.61
N HIS E 113 -31.58 -2.04 5.89
CA HIS E 113 -30.90 -0.96 6.55
C HIS E 113 -29.45 -1.32 6.89
N VAL E 114 -28.53 -0.52 6.34
CA VAL E 114 -27.09 -0.71 6.53
C VAL E 114 -26.51 0.24 7.56
N GLN E 115 -25.63 -0.25 8.42
CA GLN E 115 -24.86 0.60 9.32
C GLN E 115 -23.34 0.40 9.20
N TYR E 116 -22.64 1.48 8.92
CA TYR E 116 -21.18 1.48 8.85
C TYR E 116 -20.60 2.48 9.87
N LEU E 117 -19.76 2.01 10.78
CA LEU E 117 -19.34 2.83 11.89
C LEU E 117 -17.82 2.93 12.04
N PRO E 118 -17.14 3.46 11.02
CA PRO E 118 -15.68 3.50 11.09
C PRO E 118 -15.14 4.55 12.07
N SER E 119 -14.16 4.12 12.85
CA SER E 119 -13.31 5.06 13.57
C SER E 119 -12.15 5.44 12.64
N ILE E 120 -11.86 6.73 12.57
CA ILE E 120 -11.02 7.29 11.52
C ILE E 120 -10.04 8.32 12.05
N ARG E 121 -8.81 8.26 11.53
CA ARG E 121 -7.81 9.29 11.77
C ARG E 121 -7.50 10.05 10.47
N GLN E 122 -7.44 11.36 10.56
CA GLN E 122 -7.32 12.19 9.36
C GLN E 122 -6.93 13.62 9.69
N ARG E 123 -6.28 14.26 8.73
CA ARG E 123 -5.79 15.59 8.95
C ARG E 123 -6.53 16.62 8.13
N PHE E 124 -6.84 17.75 8.77
CA PHE E 124 -7.62 18.77 8.13
C PHE E 124 -6.94 20.12 8.15
N SER E 125 -7.15 20.86 7.07
CA SER E 125 -6.73 22.24 7.02
C SER E 125 -7.56 23.01 8.04
N CYS E 126 -6.90 23.84 8.84
CA CYS E 126 -7.58 24.61 9.85
C CYS E 126 -6.73 25.75 10.41
N ASP E 127 -7.34 26.89 10.64
CA ASP E 127 -6.70 28.01 11.28
C ASP E 127 -6.64 27.73 12.76
N VAL E 128 -5.46 27.36 13.25
CA VAL E 128 -5.31 26.95 14.63
C VAL E 128 -4.55 27.95 15.47
N SER E 129 -4.33 29.14 14.93
CA SER E 129 -3.57 30.17 15.63
C SER E 129 -4.20 30.55 16.97
N GLY E 130 -5.51 30.43 17.08
CA GLY E 130 -6.18 30.80 18.31
C GLY E 130 -6.09 29.74 19.39
N VAL E 131 -5.34 28.67 19.15
CA VAL E 131 -5.36 27.49 20.03
C VAL E 131 -4.98 27.76 21.49
N ASP E 132 -4.18 28.78 21.72
CA ASP E 132 -3.68 29.02 23.07
C ASP E 132 -4.31 30.25 23.71
N THR E 133 -5.42 30.72 23.13
CA THR E 133 -6.20 31.79 23.74
C THR E 133 -7.41 31.16 24.41
N GLU E 134 -8.02 31.88 25.35
CA GLU E 134 -9.21 31.36 26.02
C GLU E 134 -10.32 31.10 25.01
N SER E 135 -10.39 31.96 24.01
CA SER E 135 -11.33 31.83 22.90
C SER E 135 -11.04 30.58 22.04
N GLY E 136 -9.78 30.17 21.95
CA GLY E 136 -9.42 28.93 21.26
C GLY E 136 -9.47 28.98 19.75
N ALA E 137 -9.20 27.85 19.11
CA ALA E 137 -9.25 27.78 17.66
C ALA E 137 -10.48 27.01 17.21
N THR E 138 -10.94 27.30 16.01
CA THR E 138 -12.15 26.69 15.52
C THR E 138 -11.88 26.02 14.19
N CYS E 139 -12.09 24.72 14.14
CA CYS E 139 -11.94 24.01 12.88
C CYS E 139 -13.33 23.58 12.41
N LYS E 140 -13.54 23.68 11.10
CA LYS E 140 -14.72 23.10 10.45
C LYS E 140 -14.31 21.83 9.72
N LEU E 141 -15.05 20.76 9.96
CA LEU E 141 -14.85 19.50 9.26
C LEU E 141 -16.06 19.30 8.36
N LYS E 142 -15.88 19.50 7.06
CA LYS E 142 -17.02 19.53 6.16
C LYS E 142 -17.13 18.27 5.33
N PHE E 143 -18.27 17.55 5.43
CA PHE E 143 -18.48 16.30 4.67
C PHE E 143 -19.68 16.31 3.74
N GLY E 144 -19.53 15.66 2.59
CA GLY E 144 -20.60 15.48 1.63
C GLY E 144 -20.25 14.47 0.55
N SER E 145 -21.24 14.10 -0.24
CA SER E 145 -21.00 13.21 -1.36
C SER E 145 -20.09 13.94 -2.34
N TRP E 146 -19.24 13.19 -3.02
CA TRP E 146 -18.29 13.79 -3.93
C TRP E 146 -18.87 13.88 -5.33
N THR E 147 -19.78 12.96 -5.68
CA THR E 147 -20.33 12.92 -7.03
C THR E 147 -21.84 12.92 -7.06
N HIS E 148 -22.48 12.59 -5.94
CA HIS E 148 -23.95 12.53 -5.91
C HIS E 148 -24.63 13.79 -5.35
N HIS E 149 -25.59 14.33 -6.07
CA HIS E 149 -26.34 15.50 -5.59
C HIS E 149 -27.59 15.16 -4.75
N SER E 150 -28.21 16.22 -4.22
CA SER E 150 -29.43 16.17 -3.39
C SER E 150 -30.48 15.12 -3.79
N ARG E 151 -30.86 15.13 -5.05
CA ARG E 151 -31.92 14.27 -5.50
C ARG E 151 -31.50 12.82 -5.74
N GLU E 152 -30.20 12.50 -5.56
CA GLU E 152 -29.72 11.11 -5.64
C GLU E 152 -29.30 10.57 -4.27
N LEU E 153 -28.67 11.44 -3.48
CA LEU E 153 -28.16 11.08 -2.17
C LEU E 153 -28.55 12.20 -1.18
N ASP E 154 -29.58 11.96 -0.40
CA ASP E 154 -30.06 12.93 0.58
C ASP E 154 -29.34 12.76 1.90
N LEU E 155 -28.32 13.58 2.12
CA LEU E 155 -27.55 13.54 3.36
C LEU E 155 -28.31 14.23 4.47
N GLN E 156 -28.46 13.53 5.60
CA GLN E 156 -29.10 14.06 6.80
C GLN E 156 -28.20 13.84 8.01
N MET E 157 -28.45 14.59 9.06
CA MET E 157 -27.60 14.60 10.22
C MET E 157 -28.24 13.77 11.30
N GLN E 158 -27.44 13.15 12.16
CA GLN E 158 -27.95 12.59 13.42
C GLN E 158 -27.24 13.33 14.54
N GLU E 159 -27.88 13.43 15.70
CA GLU E 159 -27.41 14.34 16.75
C GLU E 159 -26.03 13.99 17.31
N ALA E 160 -25.24 15.03 17.52
CA ALA E 160 -23.87 14.88 18.00
C ALA E 160 -23.83 14.45 19.46
N ASP E 161 -22.66 14.00 19.88
CA ASP E 161 -22.42 13.59 21.25
C ASP E 161 -20.93 13.86 21.44
N ILE E 162 -20.53 14.30 22.62
CA ILE E 162 -19.11 14.55 22.87
C ILE E 162 -18.62 13.69 24.02
N SER E 163 -19.41 12.68 24.36
CA SER E 163 -19.15 11.89 25.56
C SER E 163 -18.02 10.91 25.30
N GLY E 164 -17.70 10.74 24.02
CA GLY E 164 -16.60 9.88 23.61
C GLY E 164 -15.27 10.61 23.59
N TYR E 165 -15.28 11.93 23.84
CA TYR E 165 -14.04 12.69 23.83
C TYR E 165 -13.12 12.25 24.97
N ILE E 166 -11.88 11.88 24.66
CA ILE E 166 -10.99 11.38 25.71
C ILE E 166 -10.67 12.51 26.68
N PRO E 167 -10.76 12.22 27.98
CA PRO E 167 -10.70 13.26 29.01
C PRO E 167 -9.27 13.65 29.41
N TYR E 168 -8.28 12.81 29.09
CA TYR E 168 -6.92 13.08 29.54
C TYR E 168 -6.10 13.81 28.47
N SER E 169 -6.80 14.45 27.53
CA SER E 169 -6.18 15.16 26.41
C SER E 169 -5.51 16.43 26.88
N ARG E 170 -4.66 17.01 26.04
CA ARG E 170 -4.08 18.31 26.39
C ARG E 170 -4.97 19.41 25.83
N PHE E 171 -5.91 19.01 24.98
CA PHE E 171 -6.85 19.96 24.41
C PHE E 171 -8.22 19.82 25.04
N GLU E 172 -8.82 20.95 25.31
CA GLU E 172 -10.12 20.99 25.99
C GLU E 172 -11.19 21.47 25.02
N LEU E 173 -12.34 20.80 25.00
CA LEU E 173 -13.44 21.18 24.12
C LEU E 173 -14.17 22.41 24.67
N VAL E 174 -14.33 23.42 23.83
CA VAL E 174 -14.92 24.70 24.23
C VAL E 174 -16.29 24.88 23.56
N GLY E 175 -16.46 24.27 22.39
CA GLY E 175 -17.71 24.35 21.66
C GLY E 175 -17.77 23.37 20.49
N VAL E 176 -18.96 22.81 20.26
CA VAL E 176 -19.24 21.92 19.14
C VAL E 176 -20.62 22.20 18.56
N THR E 177 -20.70 22.32 17.22
CA THR E 177 -21.99 22.38 16.52
C THR E 177 -21.96 21.50 15.27
N GLN E 178 -23.13 20.99 14.89
CA GLN E 178 -23.26 20.14 13.71
C GLN E 178 -24.43 20.63 12.86
N LYS E 179 -24.16 21.02 11.62
CA LYS E 179 -25.17 21.64 10.76
C LYS E 179 -25.19 21.09 9.32
N ARG E 180 -26.39 20.78 8.79
CA ARG E 180 -26.57 20.40 7.40
C ARG E 180 -26.95 21.58 6.54
N SER E 181 -26.16 21.83 5.49
CA SER E 181 -26.46 22.90 4.54
C SER E 181 -26.63 22.32 3.15
N GLU E 182 -27.05 23.17 2.22
CA GLU E 182 -27.31 22.76 0.85
C GLU E 182 -26.90 23.92 -0.06
N ARG E 183 -25.71 23.80 -0.64
CA ARG E 183 -25.16 24.86 -1.48
C ARG E 183 -25.11 24.41 -2.94
N PHE E 184 -25.13 25.39 -3.84
CA PHE E 184 -24.88 25.18 -5.26
C PHE E 184 -23.41 25.32 -5.54
N TYR E 185 -22.93 24.61 -6.56
CA TYR E 185 -21.53 24.73 -6.93
C TYR E 185 -21.45 25.20 -8.35
N GLU E 186 -20.28 25.74 -8.67
CA GLU E 186 -20.05 26.58 -9.83
C GLU E 186 -20.05 25.80 -11.14
N CYS E 187 -20.96 24.84 -11.26
CA CYS E 187 -20.85 23.80 -12.28
C CYS E 187 -22.16 23.08 -12.54
N CYS E 188 -22.53 22.26 -11.55
CA CYS E 188 -23.54 21.23 -11.68
C CYS E 188 -24.93 21.83 -11.56
N LYS E 189 -25.81 21.36 -12.43
CA LYS E 189 -27.21 21.77 -12.42
C LYS E 189 -27.80 21.71 -10.99
N GLU E 190 -27.48 20.66 -10.24
CA GLU E 190 -28.15 20.40 -8.95
C GLU E 190 -27.34 20.71 -7.69
N PRO E 191 -28.03 21.15 -6.62
CA PRO E 191 -27.38 21.43 -5.34
C PRO E 191 -26.84 20.15 -4.67
N TYR E 192 -25.77 20.31 -3.90
CA TYR E 192 -25.17 19.24 -3.12
C TYR E 192 -25.25 19.58 -1.63
N PRO E 193 -25.72 18.65 -0.80
CA PRO E 193 -25.81 18.95 0.62
C PRO E 193 -24.52 18.58 1.31
N ASP E 194 -24.26 19.18 2.47
CA ASP E 194 -23.11 18.79 3.29
C ASP E 194 -23.47 18.82 4.77
N VAL E 195 -22.68 18.12 5.58
CA VAL E 195 -22.84 18.20 7.02
C VAL E 195 -21.51 18.73 7.52
N THR E 196 -21.57 19.75 8.36
CA THR E 196 -20.36 20.38 8.82
C THR E 196 -20.31 20.37 10.33
N PHE E 197 -19.22 19.86 10.84
CA PHE E 197 -19.01 19.70 12.25
C PHE E 197 -17.99 20.80 12.61
N THR E 198 -18.43 21.75 13.44
CA THR E 198 -17.60 22.91 13.77
C THR E 198 -17.14 22.79 15.19
N VAL E 199 -15.85 22.58 15.39
CA VAL E 199 -15.37 22.31 16.72
C VAL E 199 -14.43 23.41 17.20
N THR E 200 -14.70 23.90 18.41
CA THR E 200 -13.86 24.92 19.00
C THR E 200 -13.16 24.35 20.23
N PHE E 201 -11.83 24.52 20.28
CA PHE E 201 -11.00 23.90 21.30
C PHE E 201 -9.80 24.77 21.69
N ARG E 202 -9.11 24.41 22.78
CA ARG E 202 -7.97 25.19 23.26
C ARG E 202 -7.08 24.35 24.19
N LYS E 203 -5.86 24.82 24.45
CA LYS E 203 -4.94 24.09 25.33
C LYS E 203 -5.36 24.22 26.78
N LYS E 204 -5.19 23.14 27.54
CA LYS E 204 -5.48 23.19 28.97
C LYS E 204 -4.39 23.98 29.69
N GLY E 205 -4.75 24.64 30.79
CA GLY E 205 -3.79 25.41 31.55
C GLY E 205 -4.40 26.62 32.24
#